data_1UQB
# 
_entry.id   1UQB 
# 
_audit_conform.dict_name       mmcif_pdbx.dic 
_audit_conform.dict_version    5.392 
_audit_conform.dict_location   http://mmcif.pdb.org/dictionaries/ascii/mmcif_pdbx.dic 
# 
loop_
_database_2.database_id 
_database_2.database_code 
_database_2.pdbx_database_accession 
_database_2.pdbx_DOI 
PDB   1UQB         pdb_00001uqb 10.2210/pdb1uqb/pdb 
WWPDB D_1000176968 ?            ?                   
# 
loop_
_pdbx_audit_revision_history.ordinal 
_pdbx_audit_revision_history.data_content_type 
_pdbx_audit_revision_history.major_revision 
_pdbx_audit_revision_history.minor_revision 
_pdbx_audit_revision_history.revision_date 
1 'Structure model' 1 0 1997-01-27 
2 'Structure model' 1 1 2008-03-24 
3 'Structure model' 1 2 2011-07-13 
4 'Structure model' 1 3 2022-03-02 
5 'Structure model' 1 4 2024-05-22 
# 
_pdbx_audit_revision_details.ordinal             1 
_pdbx_audit_revision_details.revision_ordinal    1 
_pdbx_audit_revision_details.data_content_type   'Structure model' 
_pdbx_audit_revision_details.provider            repository 
_pdbx_audit_revision_details.type                'Initial release' 
_pdbx_audit_revision_details.description         ? 
_pdbx_audit_revision_details.details             ? 
# 
loop_
_pdbx_audit_revision_group.ordinal 
_pdbx_audit_revision_group.revision_ordinal 
_pdbx_audit_revision_group.data_content_type 
_pdbx_audit_revision_group.group 
1 2 'Structure model' 'Version format compliance' 
2 3 'Structure model' 'Version format compliance' 
3 4 'Structure model' 'Data collection'           
4 4 'Structure model' 'Database references'       
5 4 'Structure model' 'Derived calculations'      
6 4 'Structure model' Other                       
7 5 'Structure model' 'Data collection'           
# 
loop_
_pdbx_audit_revision_category.ordinal 
_pdbx_audit_revision_category.revision_ordinal 
_pdbx_audit_revision_category.data_content_type 
_pdbx_audit_revision_category.category 
1 4 'Structure model' database_2            
2 4 'Structure model' pdbx_database_status  
3 4 'Structure model' pdbx_nmr_software     
4 4 'Structure model' pdbx_struct_assembly  
5 4 'Structure model' pdbx_struct_oper_list 
6 5 'Structure model' chem_comp_atom        
7 5 'Structure model' chem_comp_bond        
# 
loop_
_pdbx_audit_revision_item.ordinal 
_pdbx_audit_revision_item.revision_ordinal 
_pdbx_audit_revision_item.data_content_type 
_pdbx_audit_revision_item.item 
1 4 'Structure model' '_database_2.pdbx_DOI'                
2 4 'Structure model' '_database_2.pdbx_database_accession' 
3 4 'Structure model' '_pdbx_database_status.process_site'  
4 4 'Structure model' '_pdbx_nmr_software.name'             
# 
_pdbx_database_status.status_code                     REL 
_pdbx_database_status.entry_id                        1UQB 
_pdbx_database_status.recvd_initial_deposition_date   1996-06-26 
_pdbx_database_status.deposit_site                    ? 
_pdbx_database_status.process_site                    BNL 
_pdbx_database_status.status_code_sf                  ? 
_pdbx_database_status.status_code_mr                  REL 
_pdbx_database_status.SG_entry                        ? 
_pdbx_database_status.pdb_format_compatible           Y 
_pdbx_database_status.status_code_cs                  ? 
_pdbx_database_status.status_code_nmr_data            ? 
_pdbx_database_status.methods_development_category    ? 
# 
loop_
_pdbx_database_related.db_name 
_pdbx_database_related.db_id 
_pdbx_database_related.details 
_pdbx_database_related.content_type 
PDB 1BUF 'MINIMIZED AVERAGE STRUCTURE' unspecified 
PDB 1UQA 'MINIMIZED AVERAGE STRUCTURE' unspecified 
PDB 1UQC 'MINIMIZED AVERAGE STRUCTURE' unspecified 
PDB 1UQD 'MINIMIZED AVERAGE STRUCTURE' unspecified 
PDB 1UQE 'MINIMIZED AVERAGE STRUCTURE' unspecified 
PDB 1UQF 'MINIMIZED AVERAGE STRUCTURE' unspecified 
PDB 1UQG 'MINIMIZED AVERAGE STRUCTURE' unspecified 
# 
loop_
_audit_author.name 
_audit_author.pdbx_ordinal 
'Lam, S.L.'        1 
'Au-Yeung, S.C.F.' 2 
# 
_citation.id                        primary 
_citation.title                     
;Sequence-specific local structural variations in solution structures of d(CGXX'CG)2 and d(CAXX'TG)2 self-complementary deoxyribonucleic acids.
;
_citation.journal_abbrev            J.Mol.Biol. 
_citation.journal_volume            266 
_citation.page_first                745 
_citation.page_last                 760 
_citation.year                      1997 
_citation.journal_id_ASTM           JMOBAK 
_citation.country                   UK 
_citation.journal_id_ISSN           0022-2836 
_citation.journal_id_CSD            0070 
_citation.book_publisher            ? 
_citation.pdbx_database_id_PubMed   9102467 
_citation.pdbx_database_id_DOI      10.1006/jmbi.1996.0783 
# 
loop_
_citation_author.citation_id 
_citation_author.name 
_citation_author.ordinal 
_citation_author.identifier_ORCID 
primary 'Lam, S.L.'      1 ? 
primary 'Au-Yeung, S.C.' 2 ? 
# 
_entity.id                         1 
_entity.type                       polymer 
_entity.src_method                 syn 
_entity.pdbx_description           
;DNA (5'-D(*CP*AP*GP*CP*TP*G)-3')
;
_entity.formula_weight             1809.217 
_entity.pdbx_number_of_molecules   2 
_entity.pdbx_ec                    ? 
_entity.pdbx_mutation              ? 
_entity.pdbx_fragment              ? 
_entity.details                    'IN 10 MM SODIUM PHOSPHATE BUFFER AT 10 DEG. CELSIUS, 6.4 MM DOUBLE STRANDED CONCENTRATION' 
# 
_entity_poly.entity_id                      1 
_entity_poly.type                           polydeoxyribonucleotide 
_entity_poly.nstd_linkage                   no 
_entity_poly.nstd_monomer                   no 
_entity_poly.pdbx_seq_one_letter_code       '(DC)(DA)(DG)(DC)(DT)(DG)' 
_entity_poly.pdbx_seq_one_letter_code_can   CAGCTG 
_entity_poly.pdbx_strand_id                 A,B 
_entity_poly.pdbx_target_identifier         ? 
# 
loop_
_entity_poly_seq.entity_id 
_entity_poly_seq.num 
_entity_poly_seq.mon_id 
_entity_poly_seq.hetero 
1 1 DC n 
1 2 DA n 
1 3 DG n 
1 4 DC n 
1 5 DT n 
1 6 DG n 
# 
loop_
_chem_comp.id 
_chem_comp.type 
_chem_comp.mon_nstd_flag 
_chem_comp.name 
_chem_comp.pdbx_synonyms 
_chem_comp.formula 
_chem_comp.formula_weight 
DA 'DNA linking' y "2'-DEOXYADENOSINE-5'-MONOPHOSPHATE" ? 'C10 H14 N5 O6 P' 331.222 
DC 'DNA linking' y "2'-DEOXYCYTIDINE-5'-MONOPHOSPHATE"  ? 'C9 H14 N3 O7 P'  307.197 
DG 'DNA linking' y "2'-DEOXYGUANOSINE-5'-MONOPHOSPHATE" ? 'C10 H14 N5 O7 P' 347.221 
DT 'DNA linking' y "THYMIDINE-5'-MONOPHOSPHATE"         ? 'C10 H15 N2 O8 P' 322.208 
# 
loop_
_pdbx_poly_seq_scheme.asym_id 
_pdbx_poly_seq_scheme.entity_id 
_pdbx_poly_seq_scheme.seq_id 
_pdbx_poly_seq_scheme.mon_id 
_pdbx_poly_seq_scheme.ndb_seq_num 
_pdbx_poly_seq_scheme.pdb_seq_num 
_pdbx_poly_seq_scheme.auth_seq_num 
_pdbx_poly_seq_scheme.pdb_mon_id 
_pdbx_poly_seq_scheme.auth_mon_id 
_pdbx_poly_seq_scheme.pdb_strand_id 
_pdbx_poly_seq_scheme.pdb_ins_code 
_pdbx_poly_seq_scheme.hetero 
A 1 1 DC 1 1  1  DC C A . n 
A 1 2 DA 2 2  2  DA A A . n 
A 1 3 DG 3 3  3  DG G A . n 
A 1 4 DC 4 4  4  DC C A . n 
A 1 5 DT 5 5  5  DT T A . n 
A 1 6 DG 6 6  6  DG G A . n 
B 1 1 DC 1 7  7  DC C B . n 
B 1 2 DA 2 8  8  DA A B . n 
B 1 3 DG 3 9  9  DG G B . n 
B 1 4 DC 4 10 10 DC C B . n 
B 1 5 DT 5 11 11 DT T B . n 
B 1 6 DG 6 12 12 DG G B . n 
# 
_software.name             AMBER 
_software.classification   refinement 
_software.version          . 
_software.citation_id      ? 
_software.pdbx_ordinal     1 
# 
_cell.entry_id           1UQB 
_cell.length_a           1.000 
_cell.length_b           1.000 
_cell.length_c           1.000 
_cell.angle_alpha        90.00 
_cell.angle_beta         90.00 
_cell.angle_gamma        90.00 
_cell.Z_PDB              1 
_cell.pdbx_unique_axis   ? 
# 
_symmetry.entry_id                         1UQB 
_symmetry.space_group_name_H-M             'P 1' 
_symmetry.pdbx_full_space_group_name_H-M   ? 
_symmetry.cell_setting                     ? 
_symmetry.Int_Tables_number                1 
# 
_exptl.entry_id          1UQB 
_exptl.method            'SOLUTION NMR' 
_exptl.crystals_number   ? 
# 
_struct.entry_id                  1UQB 
_struct.title                     
;SELF-COMPLEMENTARY DNA 5'-D(CAGCTG)2, NMR, MINIMIZED AVERAGE STRUCTURE
;
_struct.pdbx_model_details        ? 
_struct.pdbx_CASP_flag            ? 
_struct.pdbx_model_type_details   ? 
# 
_struct_keywords.entry_id        1UQB 
_struct_keywords.pdbx_keywords   DNA 
_struct_keywords.text            'DEOXYRIBONUCLEIC ACID, DNA' 
# 
loop_
_struct_asym.id 
_struct_asym.pdbx_blank_PDB_chainid_flag 
_struct_asym.pdbx_modified 
_struct_asym.entity_id 
_struct_asym.details 
A N N 1 ? 
B N N 1 ? 
# 
_struct_ref.id                         1 
_struct_ref.entity_id                  1 
_struct_ref.db_name                    PDB 
_struct_ref.db_code                    1UQB 
_struct_ref.pdbx_db_accession          1UQB 
_struct_ref.pdbx_db_isoform            ? 
_struct_ref.pdbx_seq_one_letter_code   ? 
_struct_ref.pdbx_align_begin           ? 
# 
loop_
_struct_ref_seq.align_id 
_struct_ref_seq.ref_id 
_struct_ref_seq.pdbx_PDB_id_code 
_struct_ref_seq.pdbx_strand_id 
_struct_ref_seq.seq_align_beg 
_struct_ref_seq.pdbx_seq_align_beg_ins_code 
_struct_ref_seq.seq_align_end 
_struct_ref_seq.pdbx_seq_align_end_ins_code 
_struct_ref_seq.pdbx_db_accession 
_struct_ref_seq.db_align_beg 
_struct_ref_seq.pdbx_db_align_beg_ins_code 
_struct_ref_seq.db_align_end 
_struct_ref_seq.pdbx_db_align_end_ins_code 
_struct_ref_seq.pdbx_auth_seq_align_beg 
_struct_ref_seq.pdbx_auth_seq_align_end 
1 1 1UQB A 1 ? 6 ? 1UQB 1 ? 6  ? 1 6  
2 1 1UQB B 1 ? 6 ? 1UQB 7 ? 12 ? 7 12 
# 
_pdbx_struct_assembly.id                   1 
_pdbx_struct_assembly.details              author_defined_assembly 
_pdbx_struct_assembly.method_details       ? 
_pdbx_struct_assembly.oligomeric_details   dimeric 
_pdbx_struct_assembly.oligomeric_count     2 
# 
_pdbx_struct_assembly_gen.assembly_id       1 
_pdbx_struct_assembly_gen.oper_expression   1 
_pdbx_struct_assembly_gen.asym_id_list      A,B 
# 
_pdbx_struct_oper_list.id                   1 
_pdbx_struct_oper_list.type                 'identity operation' 
_pdbx_struct_oper_list.name                 1_555 
_pdbx_struct_oper_list.symmetry_operation   x,y,z 
_pdbx_struct_oper_list.matrix[1][1]         1.0000000000 
_pdbx_struct_oper_list.matrix[1][2]         0.0000000000 
_pdbx_struct_oper_list.matrix[1][3]         0.0000000000 
_pdbx_struct_oper_list.vector[1]            0.0000000000 
_pdbx_struct_oper_list.matrix[2][1]         0.0000000000 
_pdbx_struct_oper_list.matrix[2][2]         1.0000000000 
_pdbx_struct_oper_list.matrix[2][3]         0.0000000000 
_pdbx_struct_oper_list.vector[2]            0.0000000000 
_pdbx_struct_oper_list.matrix[3][1]         0.0000000000 
_pdbx_struct_oper_list.matrix[3][2]         0.0000000000 
_pdbx_struct_oper_list.matrix[3][3]         1.0000000000 
_pdbx_struct_oper_list.vector[3]            0.0000000000 
# 
_struct_biol.id   1 
# 
loop_
_struct_conn.id 
_struct_conn.conn_type_id 
_struct_conn.pdbx_leaving_atom_flag 
_struct_conn.pdbx_PDB_id 
_struct_conn.ptnr1_label_asym_id 
_struct_conn.ptnr1_label_comp_id 
_struct_conn.ptnr1_label_seq_id 
_struct_conn.ptnr1_label_atom_id 
_struct_conn.pdbx_ptnr1_label_alt_id 
_struct_conn.pdbx_ptnr1_PDB_ins_code 
_struct_conn.pdbx_ptnr1_standard_comp_id 
_struct_conn.ptnr1_symmetry 
_struct_conn.ptnr2_label_asym_id 
_struct_conn.ptnr2_label_comp_id 
_struct_conn.ptnr2_label_seq_id 
_struct_conn.ptnr2_label_atom_id 
_struct_conn.pdbx_ptnr2_label_alt_id 
_struct_conn.pdbx_ptnr2_PDB_ins_code 
_struct_conn.ptnr1_auth_asym_id 
_struct_conn.ptnr1_auth_comp_id 
_struct_conn.ptnr1_auth_seq_id 
_struct_conn.ptnr2_auth_asym_id 
_struct_conn.ptnr2_auth_comp_id 
_struct_conn.ptnr2_auth_seq_id 
_struct_conn.ptnr2_symmetry 
_struct_conn.pdbx_ptnr3_label_atom_id 
_struct_conn.pdbx_ptnr3_label_seq_id 
_struct_conn.pdbx_ptnr3_label_comp_id 
_struct_conn.pdbx_ptnr3_label_asym_id 
_struct_conn.pdbx_ptnr3_label_alt_id 
_struct_conn.pdbx_ptnr3_PDB_ins_code 
_struct_conn.details 
_struct_conn.pdbx_dist_value 
_struct_conn.pdbx_value_order 
_struct_conn.pdbx_role 
hydrog1  hydrog ? ? A DC 1 N3 ? ? ? 1_555 B DG 6 N1 ? ? A DC 1 B DG 12 1_555 ? ? ? ? ? ? WATSON-CRICK ? ? ? 
hydrog2  hydrog ? ? A DC 1 N4 ? ? ? 1_555 B DG 6 O6 ? ? A DC 1 B DG 12 1_555 ? ? ? ? ? ? WATSON-CRICK ? ? ? 
hydrog3  hydrog ? ? A DC 1 O2 ? ? ? 1_555 B DG 6 N2 ? ? A DC 1 B DG 12 1_555 ? ? ? ? ? ? WATSON-CRICK ? ? ? 
hydrog4  hydrog ? ? A DA 2 N1 ? ? ? 1_555 B DT 5 N3 ? ? A DA 2 B DT 11 1_555 ? ? ? ? ? ? WATSON-CRICK ? ? ? 
hydrog5  hydrog ? ? A DA 2 N6 ? ? ? 1_555 B DT 5 O4 ? ? A DA 2 B DT 11 1_555 ? ? ? ? ? ? WATSON-CRICK ? ? ? 
hydrog6  hydrog ? ? A DG 3 N1 ? ? ? 1_555 B DC 4 N3 ? ? A DG 3 B DC 10 1_555 ? ? ? ? ? ? WATSON-CRICK ? ? ? 
hydrog7  hydrog ? ? A DG 3 N2 ? ? ? 1_555 B DC 4 O2 ? ? A DG 3 B DC 10 1_555 ? ? ? ? ? ? WATSON-CRICK ? ? ? 
hydrog8  hydrog ? ? A DG 3 O6 ? ? ? 1_555 B DC 4 N4 ? ? A DG 3 B DC 10 1_555 ? ? ? ? ? ? WATSON-CRICK ? ? ? 
hydrog9  hydrog ? ? A DC 4 N3 ? ? ? 1_555 B DG 3 N1 ? ? A DC 4 B DG 9  1_555 ? ? ? ? ? ? WATSON-CRICK ? ? ? 
hydrog10 hydrog ? ? A DC 4 N4 ? ? ? 1_555 B DG 3 O6 ? ? A DC 4 B DG 9  1_555 ? ? ? ? ? ? WATSON-CRICK ? ? ? 
hydrog11 hydrog ? ? A DC 4 O2 ? ? ? 1_555 B DG 3 N2 ? ? A DC 4 B DG 9  1_555 ? ? ? ? ? ? WATSON-CRICK ? ? ? 
hydrog12 hydrog ? ? A DT 5 N3 ? ? ? 1_555 B DA 2 N1 ? ? A DT 5 B DA 8  1_555 ? ? ? ? ? ? WATSON-CRICK ? ? ? 
hydrog13 hydrog ? ? A DT 5 O4 ? ? ? 1_555 B DA 2 N6 ? ? A DT 5 B DA 8  1_555 ? ? ? ? ? ? WATSON-CRICK ? ? ? 
hydrog14 hydrog ? ? A DG 6 N1 ? ? ? 1_555 B DC 1 N3 ? ? A DG 6 B DC 7  1_555 ? ? ? ? ? ? WATSON-CRICK ? ? ? 
hydrog15 hydrog ? ? A DG 6 N2 ? ? ? 1_555 B DC 1 O2 ? ? A DG 6 B DC 7  1_555 ? ? ? ? ? ? WATSON-CRICK ? ? ? 
hydrog16 hydrog ? ? A DG 6 O6 ? ? ? 1_555 B DC 1 N4 ? ? A DG 6 B DC 7  1_555 ? ? ? ? ? ? WATSON-CRICK ? ? ? 
# 
_struct_conn_type.id          hydrog 
_struct_conn_type.criteria    ? 
_struct_conn_type.reference   ? 
# 
loop_
_pdbx_validate_rmsd_angle.id 
_pdbx_validate_rmsd_angle.PDB_model_num 
_pdbx_validate_rmsd_angle.auth_atom_id_1 
_pdbx_validate_rmsd_angle.auth_asym_id_1 
_pdbx_validate_rmsd_angle.auth_comp_id_1 
_pdbx_validate_rmsd_angle.auth_seq_id_1 
_pdbx_validate_rmsd_angle.PDB_ins_code_1 
_pdbx_validate_rmsd_angle.label_alt_id_1 
_pdbx_validate_rmsd_angle.auth_atom_id_2 
_pdbx_validate_rmsd_angle.auth_asym_id_2 
_pdbx_validate_rmsd_angle.auth_comp_id_2 
_pdbx_validate_rmsd_angle.auth_seq_id_2 
_pdbx_validate_rmsd_angle.PDB_ins_code_2 
_pdbx_validate_rmsd_angle.label_alt_id_2 
_pdbx_validate_rmsd_angle.auth_atom_id_3 
_pdbx_validate_rmsd_angle.auth_asym_id_3 
_pdbx_validate_rmsd_angle.auth_comp_id_3 
_pdbx_validate_rmsd_angle.auth_seq_id_3 
_pdbx_validate_rmsd_angle.PDB_ins_code_3 
_pdbx_validate_rmsd_angle.label_alt_id_3 
_pdbx_validate_rmsd_angle.angle_value 
_pdbx_validate_rmsd_angle.angle_target_value 
_pdbx_validate_rmsd_angle.angle_deviation 
_pdbx_validate_rmsd_angle.angle_standard_deviation 
_pdbx_validate_rmsd_angle.linker_flag 
1  1 "O4'" A DC 1  ? ? "C4'" A DC 1  ? ? "C3'" A DC 1  ? ? 110.60 106.00 4.60  0.60 N 
2  1 "C5'" A DG 3  ? ? "C4'" A DG 3  ? ? "O4'" A DG 3  ? ? 119.26 109.80 9.46  1.10 N 
3  1 "O4'" A DC 4  ? ? "C4'" A DC 4  ? ? "C3'" A DC 4  ? ? 113.30 106.00 7.30  0.60 N 
4  1 "C5'" A DC 4  ? ? "C4'" A DC 4  ? ? "O4'" A DC 4  ? ? 124.86 109.80 15.06 1.10 N 
5  1 "C4'" A DC 4  ? ? "C3'" A DC 4  ? ? "C2'" A DC 4  ? ? 97.18  102.20 -5.02 0.70 N 
6  1 "O4'" A DT 5  ? ? "C4'" A DT 5  ? ? "C3'" A DT 5  ? ? 115.28 106.00 9.28  0.60 N 
7  1 "C5'" A DT 5  ? ? "C4'" A DT 5  ? ? "O4'" A DT 5  ? ? 123.01 109.80 13.21 1.10 N 
8  1 "C4'" A DT 5  ? ? "C3'" A DT 5  ? ? "C2'" A DT 5  ? ? 97.18  102.20 -5.02 0.70 N 
9  1 "C5'" A DG 6  ? ? "C4'" A DG 6  ? ? "O4'" A DG 6  ? ? 116.83 109.80 7.03  1.10 N 
10 1 "O4'" A DG 6  ? ? "C1'" A DG 6  ? ? "C2'" A DG 6  ? ? 109.90 106.80 3.10  0.50 N 
11 1 "O4'" B DC 7  ? ? "C4'" B DC 7  ? ? "C3'" B DC 7  ? ? 110.48 106.00 4.48  0.60 N 
12 1 "C5'" B DG 9  ? ? "C4'" B DG 9  ? ? "O4'" B DG 9  ? ? 119.55 109.80 9.75  1.10 N 
13 1 "O4'" B DC 10 ? ? "C4'" B DC 10 ? ? "C3'" B DC 10 ? ? 113.33 106.00 7.33  0.60 N 
14 1 "C5'" B DC 10 ? ? "C4'" B DC 10 ? ? "O4'" B DC 10 ? ? 124.88 109.80 15.08 1.10 N 
15 1 "C4'" B DC 10 ? ? "C3'" B DC 10 ? ? "C2'" B DC 10 ? ? 97.18  102.20 -5.02 0.70 N 
16 1 N1    B DC 10 ? ? C2    B DC 10 ? ? O2    B DC 10 ? ? 122.50 118.90 3.60  0.60 N 
17 1 "O4'" B DT 11 ? ? "C4'" B DT 11 ? ? "C3'" B DT 11 ? ? 115.28 106.00 9.28  0.60 N 
18 1 "C5'" B DT 11 ? ? "C4'" B DT 11 ? ? "O4'" B DT 11 ? ? 123.04 109.80 13.24 1.10 N 
19 1 "C4'" B DT 11 ? ? "C3'" B DT 11 ? ? "C2'" B DT 11 ? ? 97.13  102.20 -5.07 0.70 N 
20 1 "C5'" B DG 12 ? ? "C4'" B DG 12 ? ? "O4'" B DG 12 ? ? 116.74 109.80 6.94  1.10 N 
21 1 "O4'" B DG 12 ? ? "C1'" B DG 12 ? ? "C2'" B DG 12 ? ? 109.86 106.80 3.06  0.50 N 
# 
loop_
_pdbx_validate_chiral.id 
_pdbx_validate_chiral.PDB_model_num 
_pdbx_validate_chiral.auth_atom_id 
_pdbx_validate_chiral.label_alt_id 
_pdbx_validate_chiral.auth_asym_id 
_pdbx_validate_chiral.auth_comp_id 
_pdbx_validate_chiral.auth_seq_id 
_pdbx_validate_chiral.PDB_ins_code 
_pdbx_validate_chiral.details 
_pdbx_validate_chiral.omega 
1 1 "C4'" ? A DT 5  ? PLANAR . 
2 1 "C4'" ? B DT 11 ? PLANAR . 
# 
loop_
_pdbx_validate_planes.id 
_pdbx_validate_planes.PDB_model_num 
_pdbx_validate_planes.auth_comp_id 
_pdbx_validate_planes.auth_asym_id 
_pdbx_validate_planes.auth_seq_id 
_pdbx_validate_planes.PDB_ins_code 
_pdbx_validate_planes.label_alt_id 
_pdbx_validate_planes.rmsd 
_pdbx_validate_planes.type 
1 1 DA A 2  ? ? 0.112 'SIDE CHAIN' 
2 1 DC A 4  ? ? 0.082 'SIDE CHAIN' 
3 1 DT A 5  ? ? 0.102 'SIDE CHAIN' 
4 1 DA B 8  ? ? 0.112 'SIDE CHAIN' 
5 1 DC B 10 ? ? 0.082 'SIDE CHAIN' 
6 1 DT B 11 ? ? 0.100 'SIDE CHAIN' 
# 
_pdbx_nmr_ensemble.entry_id                             1UQB 
_pdbx_nmr_ensemble.conformers_calculated_total_number   ? 
_pdbx_nmr_ensemble.conformers_submitted_total_number    1 
_pdbx_nmr_ensemble.conformer_selection_criteria         ? 
# 
_pdbx_nmr_exptl_sample_conditions.conditions_id       1 
_pdbx_nmr_exptl_sample_conditions.temperature         283 
_pdbx_nmr_exptl_sample_conditions.pressure            ? 
_pdbx_nmr_exptl_sample_conditions.pH                  ? 
_pdbx_nmr_exptl_sample_conditions.ionic_strength      ? 
_pdbx_nmr_exptl_sample_conditions.pressure_units      . 
_pdbx_nmr_exptl_sample_conditions.temperature_units   K 
# 
_pdbx_nmr_details.entry_id   1UQB 
_pdbx_nmr_details.text       'N 10 MM SODIUM PHOSPHATE BUFFER AT 10 DEGREES CELSIUS, 6.4 MM DOUBLE STRANDED CONCENTRATION' 
# 
_pdbx_nmr_software.classification   refinement 
_pdbx_nmr_software.name             Amber 
_pdbx_nmr_software.version          4.0 
_pdbx_nmr_software.authors          'PEARLMAN,CASE,CALDWELL,SEIBEL,SINGH,WEINER, KOLLMAN' 
_pdbx_nmr_software.ordinal          1 
# 
loop_
_chem_comp_atom.comp_id 
_chem_comp_atom.atom_id 
_chem_comp_atom.type_symbol 
_chem_comp_atom.pdbx_aromatic_flag 
_chem_comp_atom.pdbx_stereo_config 
_chem_comp_atom.pdbx_ordinal 
DA OP3    O N N 1   
DA P      P N N 2   
DA OP1    O N N 3   
DA OP2    O N N 4   
DA "O5'"  O N N 5   
DA "C5'"  C N N 6   
DA "C4'"  C N R 7   
DA "O4'"  O N N 8   
DA "C3'"  C N S 9   
DA "O3'"  O N N 10  
DA "C2'"  C N N 11  
DA "C1'"  C N R 12  
DA N9     N Y N 13  
DA C8     C Y N 14  
DA N7     N Y N 15  
DA C5     C Y N 16  
DA C6     C Y N 17  
DA N6     N N N 18  
DA N1     N Y N 19  
DA C2     C Y N 20  
DA N3     N Y N 21  
DA C4     C Y N 22  
DA HOP3   H N N 23  
DA HOP2   H N N 24  
DA "H5'"  H N N 25  
DA "H5''" H N N 26  
DA "H4'"  H N N 27  
DA "H3'"  H N N 28  
DA "HO3'" H N N 29  
DA "H2'"  H N N 30  
DA "H2''" H N N 31  
DA "H1'"  H N N 32  
DA H8     H N N 33  
DA H61    H N N 34  
DA H62    H N N 35  
DA H2     H N N 36  
DC OP3    O N N 37  
DC P      P N N 38  
DC OP1    O N N 39  
DC OP2    O N N 40  
DC "O5'"  O N N 41  
DC "C5'"  C N N 42  
DC "C4'"  C N R 43  
DC "O4'"  O N N 44  
DC "C3'"  C N S 45  
DC "O3'"  O N N 46  
DC "C2'"  C N N 47  
DC "C1'"  C N R 48  
DC N1     N N N 49  
DC C2     C N N 50  
DC O2     O N N 51  
DC N3     N N N 52  
DC C4     C N N 53  
DC N4     N N N 54  
DC C5     C N N 55  
DC C6     C N N 56  
DC HOP3   H N N 57  
DC HOP2   H N N 58  
DC "H5'"  H N N 59  
DC "H5''" H N N 60  
DC "H4'"  H N N 61  
DC "H3'"  H N N 62  
DC "HO3'" H N N 63  
DC "H2'"  H N N 64  
DC "H2''" H N N 65  
DC "H1'"  H N N 66  
DC H41    H N N 67  
DC H42    H N N 68  
DC H5     H N N 69  
DC H6     H N N 70  
DG OP3    O N N 71  
DG P      P N N 72  
DG OP1    O N N 73  
DG OP2    O N N 74  
DG "O5'"  O N N 75  
DG "C5'"  C N N 76  
DG "C4'"  C N R 77  
DG "O4'"  O N N 78  
DG "C3'"  C N S 79  
DG "O3'"  O N N 80  
DG "C2'"  C N N 81  
DG "C1'"  C N R 82  
DG N9     N Y N 83  
DG C8     C Y N 84  
DG N7     N Y N 85  
DG C5     C Y N 86  
DG C6     C N N 87  
DG O6     O N N 88  
DG N1     N N N 89  
DG C2     C N N 90  
DG N2     N N N 91  
DG N3     N N N 92  
DG C4     C Y N 93  
DG HOP3   H N N 94  
DG HOP2   H N N 95  
DG "H5'"  H N N 96  
DG "H5''" H N N 97  
DG "H4'"  H N N 98  
DG "H3'"  H N N 99  
DG "HO3'" H N N 100 
DG "H2'"  H N N 101 
DG "H2''" H N N 102 
DG "H1'"  H N N 103 
DG H8     H N N 104 
DG H1     H N N 105 
DG H21    H N N 106 
DG H22    H N N 107 
DT OP3    O N N 108 
DT P      P N N 109 
DT OP1    O N N 110 
DT OP2    O N N 111 
DT "O5'"  O N N 112 
DT "C5'"  C N N 113 
DT "C4'"  C N R 114 
DT "O4'"  O N N 115 
DT "C3'"  C N S 116 
DT "O3'"  O N N 117 
DT "C2'"  C N N 118 
DT "C1'"  C N R 119 
DT N1     N N N 120 
DT C2     C N N 121 
DT O2     O N N 122 
DT N3     N N N 123 
DT C4     C N N 124 
DT O4     O N N 125 
DT C5     C N N 126 
DT C7     C N N 127 
DT C6     C N N 128 
DT HOP3   H N N 129 
DT HOP2   H N N 130 
DT "H5'"  H N N 131 
DT "H5''" H N N 132 
DT "H4'"  H N N 133 
DT "H3'"  H N N 134 
DT "HO3'" H N N 135 
DT "H2'"  H N N 136 
DT "H2''" H N N 137 
DT "H1'"  H N N 138 
DT H3     H N N 139 
DT H71    H N N 140 
DT H72    H N N 141 
DT H73    H N N 142 
DT H6     H N N 143 
# 
loop_
_chem_comp_bond.comp_id 
_chem_comp_bond.atom_id_1 
_chem_comp_bond.atom_id_2 
_chem_comp_bond.value_order 
_chem_comp_bond.pdbx_aromatic_flag 
_chem_comp_bond.pdbx_stereo_config 
_chem_comp_bond.pdbx_ordinal 
DA OP3   P      sing N N 1   
DA OP3   HOP3   sing N N 2   
DA P     OP1    doub N N 3   
DA P     OP2    sing N N 4   
DA P     "O5'"  sing N N 5   
DA OP2   HOP2   sing N N 6   
DA "O5'" "C5'"  sing N N 7   
DA "C5'" "C4'"  sing N N 8   
DA "C5'" "H5'"  sing N N 9   
DA "C5'" "H5''" sing N N 10  
DA "C4'" "O4'"  sing N N 11  
DA "C4'" "C3'"  sing N N 12  
DA "C4'" "H4'"  sing N N 13  
DA "O4'" "C1'"  sing N N 14  
DA "C3'" "O3'"  sing N N 15  
DA "C3'" "C2'"  sing N N 16  
DA "C3'" "H3'"  sing N N 17  
DA "O3'" "HO3'" sing N N 18  
DA "C2'" "C1'"  sing N N 19  
DA "C2'" "H2'"  sing N N 20  
DA "C2'" "H2''" sing N N 21  
DA "C1'" N9     sing N N 22  
DA "C1'" "H1'"  sing N N 23  
DA N9    C8     sing Y N 24  
DA N9    C4     sing Y N 25  
DA C8    N7     doub Y N 26  
DA C8    H8     sing N N 27  
DA N7    C5     sing Y N 28  
DA C5    C6     sing Y N 29  
DA C5    C4     doub Y N 30  
DA C6    N6     sing N N 31  
DA C6    N1     doub Y N 32  
DA N6    H61    sing N N 33  
DA N6    H62    sing N N 34  
DA N1    C2     sing Y N 35  
DA C2    N3     doub Y N 36  
DA C2    H2     sing N N 37  
DA N3    C4     sing Y N 38  
DC OP3   P      sing N N 39  
DC OP3   HOP3   sing N N 40  
DC P     OP1    doub N N 41  
DC P     OP2    sing N N 42  
DC P     "O5'"  sing N N 43  
DC OP2   HOP2   sing N N 44  
DC "O5'" "C5'"  sing N N 45  
DC "C5'" "C4'"  sing N N 46  
DC "C5'" "H5'"  sing N N 47  
DC "C5'" "H5''" sing N N 48  
DC "C4'" "O4'"  sing N N 49  
DC "C4'" "C3'"  sing N N 50  
DC "C4'" "H4'"  sing N N 51  
DC "O4'" "C1'"  sing N N 52  
DC "C3'" "O3'"  sing N N 53  
DC "C3'" "C2'"  sing N N 54  
DC "C3'" "H3'"  sing N N 55  
DC "O3'" "HO3'" sing N N 56  
DC "C2'" "C1'"  sing N N 57  
DC "C2'" "H2'"  sing N N 58  
DC "C2'" "H2''" sing N N 59  
DC "C1'" N1     sing N N 60  
DC "C1'" "H1'"  sing N N 61  
DC N1    C2     sing N N 62  
DC N1    C6     sing N N 63  
DC C2    O2     doub N N 64  
DC C2    N3     sing N N 65  
DC N3    C4     doub N N 66  
DC C4    N4     sing N N 67  
DC C4    C5     sing N N 68  
DC N4    H41    sing N N 69  
DC N4    H42    sing N N 70  
DC C5    C6     doub N N 71  
DC C5    H5     sing N N 72  
DC C6    H6     sing N N 73  
DG OP3   P      sing N N 74  
DG OP3   HOP3   sing N N 75  
DG P     OP1    doub N N 76  
DG P     OP2    sing N N 77  
DG P     "O5'"  sing N N 78  
DG OP2   HOP2   sing N N 79  
DG "O5'" "C5'"  sing N N 80  
DG "C5'" "C4'"  sing N N 81  
DG "C5'" "H5'"  sing N N 82  
DG "C5'" "H5''" sing N N 83  
DG "C4'" "O4'"  sing N N 84  
DG "C4'" "C3'"  sing N N 85  
DG "C4'" "H4'"  sing N N 86  
DG "O4'" "C1'"  sing N N 87  
DG "C3'" "O3'"  sing N N 88  
DG "C3'" "C2'"  sing N N 89  
DG "C3'" "H3'"  sing N N 90  
DG "O3'" "HO3'" sing N N 91  
DG "C2'" "C1'"  sing N N 92  
DG "C2'" "H2'"  sing N N 93  
DG "C2'" "H2''" sing N N 94  
DG "C1'" N9     sing N N 95  
DG "C1'" "H1'"  sing N N 96  
DG N9    C8     sing Y N 97  
DG N9    C4     sing Y N 98  
DG C8    N7     doub Y N 99  
DG C8    H8     sing N N 100 
DG N7    C5     sing Y N 101 
DG C5    C6     sing N N 102 
DG C5    C4     doub Y N 103 
DG C6    O6     doub N N 104 
DG C6    N1     sing N N 105 
DG N1    C2     sing N N 106 
DG N1    H1     sing N N 107 
DG C2    N2     sing N N 108 
DG C2    N3     doub N N 109 
DG N2    H21    sing N N 110 
DG N2    H22    sing N N 111 
DG N3    C4     sing N N 112 
DT OP3   P      sing N N 113 
DT OP3   HOP3   sing N N 114 
DT P     OP1    doub N N 115 
DT P     OP2    sing N N 116 
DT P     "O5'"  sing N N 117 
DT OP2   HOP2   sing N N 118 
DT "O5'" "C5'"  sing N N 119 
DT "C5'" "C4'"  sing N N 120 
DT "C5'" "H5'"  sing N N 121 
DT "C5'" "H5''" sing N N 122 
DT "C4'" "O4'"  sing N N 123 
DT "C4'" "C3'"  sing N N 124 
DT "C4'" "H4'"  sing N N 125 
DT "O4'" "C1'"  sing N N 126 
DT "C3'" "O3'"  sing N N 127 
DT "C3'" "C2'"  sing N N 128 
DT "C3'" "H3'"  sing N N 129 
DT "O3'" "HO3'" sing N N 130 
DT "C2'" "C1'"  sing N N 131 
DT "C2'" "H2'"  sing N N 132 
DT "C2'" "H2''" sing N N 133 
DT "C1'" N1     sing N N 134 
DT "C1'" "H1'"  sing N N 135 
DT N1    C2     sing N N 136 
DT N1    C6     sing N N 137 
DT C2    O2     doub N N 138 
DT C2    N3     sing N N 139 
DT N3    C4     sing N N 140 
DT N3    H3     sing N N 141 
DT C4    O4     doub N N 142 
DT C4    C5     sing N N 143 
DT C5    C7     sing N N 144 
DT C5    C6     doub N N 145 
DT C7    H71    sing N N 146 
DT C7    H72    sing N N 147 
DT C7    H73    sing N N 148 
DT C6    H6     sing N N 149 
# 
_ndb_struct_conf_na.entry_id   1UQB 
_ndb_struct_conf_na.feature    'b-form double helix' 
# 
loop_
_ndb_struct_na_base_pair.model_number 
_ndb_struct_na_base_pair.i_label_asym_id 
_ndb_struct_na_base_pair.i_label_comp_id 
_ndb_struct_na_base_pair.i_label_seq_id 
_ndb_struct_na_base_pair.i_symmetry 
_ndb_struct_na_base_pair.j_label_asym_id 
_ndb_struct_na_base_pair.j_label_comp_id 
_ndb_struct_na_base_pair.j_label_seq_id 
_ndb_struct_na_base_pair.j_symmetry 
_ndb_struct_na_base_pair.shear 
_ndb_struct_na_base_pair.stretch 
_ndb_struct_na_base_pair.stagger 
_ndb_struct_na_base_pair.buckle 
_ndb_struct_na_base_pair.propeller 
_ndb_struct_na_base_pair.opening 
_ndb_struct_na_base_pair.pair_number 
_ndb_struct_na_base_pair.pair_name 
_ndb_struct_na_base_pair.i_auth_asym_id 
_ndb_struct_na_base_pair.i_auth_seq_id 
_ndb_struct_na_base_pair.i_PDB_ins_code 
_ndb_struct_na_base_pair.j_auth_asym_id 
_ndb_struct_na_base_pair.j_auth_seq_id 
_ndb_struct_na_base_pair.j_PDB_ins_code 
_ndb_struct_na_base_pair.hbond_type_28 
_ndb_struct_na_base_pair.hbond_type_12 
1 A DC 1 1_555 B DG 6 1_555 0.095  -0.088 -0.440 23.763  -21.400 -0.518 1 A_DC1:DG12_B A 1 ? B 12 ? 19 1 
1 A DA 2 1_555 B DT 5 1_555 -0.428 -0.156 0.264  18.370  -22.472 8.232  2 A_DA2:DT11_B A 2 ? B 11 ? 20 1 
1 A DG 3 1_555 B DC 4 1_555 -0.497 -0.303 -0.082 2.847   -14.693 -2.688 3 A_DG3:DC10_B A 3 ? B 10 ? 19 1 
1 A DC 4 1_555 B DG 3 1_555 0.493  -0.303 -0.081 -2.629  -14.852 -2.670 4 A_DC4:DG9_B  A 4 ? B 9  ? 19 1 
1 A DT 5 1_555 B DA 2 1_555 0.434  -0.157 0.264  -18.346 -22.573 8.247  5 A_DT5:DA8_B  A 5 ? B 8  ? 20 1 
1 A DG 6 1_555 B DC 1 1_555 -0.093 -0.086 -0.447 -24.252 -21.953 -0.502 6 A_DG6:DC7_B  A 6 ? B 7  ? 19 1 
# 
loop_
_ndb_struct_na_base_pair_step.model_number 
_ndb_struct_na_base_pair_step.i_label_asym_id_1 
_ndb_struct_na_base_pair_step.i_label_comp_id_1 
_ndb_struct_na_base_pair_step.i_label_seq_id_1 
_ndb_struct_na_base_pair_step.i_symmetry_1 
_ndb_struct_na_base_pair_step.j_label_asym_id_1 
_ndb_struct_na_base_pair_step.j_label_comp_id_1 
_ndb_struct_na_base_pair_step.j_label_seq_id_1 
_ndb_struct_na_base_pair_step.j_symmetry_1 
_ndb_struct_na_base_pair_step.i_label_asym_id_2 
_ndb_struct_na_base_pair_step.i_label_comp_id_2 
_ndb_struct_na_base_pair_step.i_label_seq_id_2 
_ndb_struct_na_base_pair_step.i_symmetry_2 
_ndb_struct_na_base_pair_step.j_label_asym_id_2 
_ndb_struct_na_base_pair_step.j_label_comp_id_2 
_ndb_struct_na_base_pair_step.j_label_seq_id_2 
_ndb_struct_na_base_pair_step.j_symmetry_2 
_ndb_struct_na_base_pair_step.shift 
_ndb_struct_na_base_pair_step.slide 
_ndb_struct_na_base_pair_step.rise 
_ndb_struct_na_base_pair_step.tilt 
_ndb_struct_na_base_pair_step.roll 
_ndb_struct_na_base_pair_step.twist 
_ndb_struct_na_base_pair_step.x_displacement 
_ndb_struct_na_base_pair_step.y_displacement 
_ndb_struct_na_base_pair_step.helical_rise 
_ndb_struct_na_base_pair_step.inclination 
_ndb_struct_na_base_pair_step.tip 
_ndb_struct_na_base_pair_step.helical_twist 
_ndb_struct_na_base_pair_step.step_number 
_ndb_struct_na_base_pair_step.step_name 
_ndb_struct_na_base_pair_step.i_auth_asym_id_1 
_ndb_struct_na_base_pair_step.i_auth_seq_id_1 
_ndb_struct_na_base_pair_step.i_PDB_ins_code_1 
_ndb_struct_na_base_pair_step.j_auth_asym_id_1 
_ndb_struct_na_base_pair_step.j_auth_seq_id_1 
_ndb_struct_na_base_pair_step.j_PDB_ins_code_1 
_ndb_struct_na_base_pair_step.i_auth_asym_id_2 
_ndb_struct_na_base_pair_step.i_auth_seq_id_2 
_ndb_struct_na_base_pair_step.i_PDB_ins_code_2 
_ndb_struct_na_base_pair_step.j_auth_asym_id_2 
_ndb_struct_na_base_pair_step.j_auth_seq_id_2 
_ndb_struct_na_base_pair_step.j_PDB_ins_code_2 
1 A DC 1 1_555 B DG 6 1_555 A DA 2 1_555 B DT 5 1_555 0.043  0.910  3.392 1.512  13.630 45.405 -0.062 0.079  3.512 17.200 -1.908 
47.325 1 AA_DC1DA2:DT11DG12_BB A 1 ? B 12 ? A 2 ? B 11 ? 
1 A DA 2 1_555 B DT 5 1_555 A DG 3 1_555 B DC 4 1_555 -0.973 0.039  3.385 -2.154 6.471  31.915 -1.108 1.340  3.384 11.603 3.863  
32.617 2 AA_DA2DG3:DC10DT11_BB A 2 ? B 11 ? A 3 ? B 10 ? 
1 A DG 3 1_555 B DC 4 1_555 A DC 4 1_555 B DG 3 1_555 0.003  -0.364 3.192 0.013  -2.134 40.147 -0.292 -0.002 3.206 -3.106 -0.018 
40.202 3 AA_DG3DC4:DG9DC10_BB  A 3 ? B 10 ? A 4 ? B 9  ? 
1 A DC 4 1_555 B DG 3 1_555 A DT 5 1_555 B DA 2 1_555 0.950  0.032  3.393 2.125  6.420  31.847 -1.119 -1.307 3.389 11.538 -3.820 
32.539 4 AA_DC4DT5:DA8DG9_BB   A 4 ? B 9  ? A 5 ? B 8  ? 
1 A DT 5 1_555 B DA 2 1_555 A DG 6 1_555 B DC 1 1_555 -0.046 0.915  3.408 -1.537 13.750 45.510 -0.068 -0.077 3.528 17.308 1.935  
47.459 5 AA_DT5DG6:DC7DA8_BB   A 5 ? B 8  ? A 6 ? B 7  ? 
# 
_atom_sites.entry_id                    1UQB 
_atom_sites.fract_transf_matrix[1][1]   1.000000 
_atom_sites.fract_transf_matrix[1][2]   0.000000 
_atom_sites.fract_transf_matrix[1][3]   0.000000 
_atom_sites.fract_transf_matrix[2][1]   0.000000 
_atom_sites.fract_transf_matrix[2][2]   1.000000 
_atom_sites.fract_transf_matrix[2][3]   0.000000 
_atom_sites.fract_transf_matrix[3][1]   0.000000 
_atom_sites.fract_transf_matrix[3][2]   0.000000 
_atom_sites.fract_transf_matrix[3][3]   1.000000 
_atom_sites.fract_transf_vector[1]      0.00000 
_atom_sites.fract_transf_vector[2]      0.00000 
_atom_sites.fract_transf_vector[3]      0.00000 
# 
loop_
_atom_type.symbol 
C 
H 
N 
O 
P 
# 
loop_
_atom_site.group_PDB 
_atom_site.id 
_atom_site.type_symbol 
_atom_site.label_atom_id 
_atom_site.label_alt_id 
_atom_site.label_comp_id 
_atom_site.label_asym_id 
_atom_site.label_entity_id 
_atom_site.label_seq_id 
_atom_site.pdbx_PDB_ins_code 
_atom_site.Cartn_x 
_atom_site.Cartn_y 
_atom_site.Cartn_z 
_atom_site.occupancy 
_atom_site.B_iso_or_equiv 
_atom_site.pdbx_formal_charge 
_atom_site.auth_seq_id 
_atom_site.auth_comp_id 
_atom_site.auth_asym_id 
_atom_site.auth_atom_id 
_atom_site.pdbx_PDB_model_num 
ATOM 1   O "O5'"  . DC A 1 1 ? 2.802   7.158   -8.956  1.00 0.00 ? 1  DC A "O5'"  1 
ATOM 2   C "C5'"  . DC A 1 1 ? 3.272   7.419   -7.651  1.00 0.00 ? 1  DC A "C5'"  1 
ATOM 3   C "C4'"  . DC A 1 1 ? 4.618   6.726   -7.423  1.00 0.00 ? 1  DC A "C4'"  1 
ATOM 4   O "O4'"  . DC A 1 1 ? 5.277   7.149   -6.249  1.00 0.00 ? 1  DC A "O4'"  1 
ATOM 5   C "C3'"  . DC A 1 1 ? 4.644   5.219   -7.533  1.00 0.00 ? 1  DC A "C3'"  1 
ATOM 6   O "O3'"  . DC A 1 1 ? 5.565   4.722   -8.496  1.00 0.00 ? 1  DC A "O3'"  1 
ATOM 7   C "C2'"  . DC A 1 1 ? 4.936   4.822   -6.103  1.00 0.00 ? 1  DC A "C2'"  1 
ATOM 8   C "C1'"  . DC A 1 1 ? 5.716   6.011   -5.532  1.00 0.00 ? 1  DC A "C1'"  1 
ATOM 9   N N1     . DC A 1 1 ? 5.377   6.176   -4.101  1.00 0.00 ? 1  DC A N1     1 
ATOM 10  C C2     . DC A 1 1 ? 6.213   5.680   -3.107  1.00 0.00 ? 1  DC A C2     1 
ATOM 11  O O2     . DC A 1 1 ? 7.233   5.053   -3.383  1.00 0.00 ? 1  DC A O2     1 
ATOM 12  N N3     . DC A 1 1 ? 5.874   5.878   -1.802  1.00 0.00 ? 1  DC A N3     1 
ATOM 13  C C4     . DC A 1 1 ? 4.742   6.523   -1.494  1.00 0.00 ? 1  DC A C4     1 
ATOM 14  N N4     . DC A 1 1 ? 4.450   6.675   -0.210  1.00 0.00 ? 1  DC A N4     1 
ATOM 15  C C5     . DC A 1 1 ? 3.830   6.988   -2.498  1.00 0.00 ? 1  DC A C5     1 
ATOM 16  C C6     . DC A 1 1 ? 4.203   6.783   -3.784  1.00 0.00 ? 1  DC A C6     1 
ATOM 17  H "H5'"  . DC A 1 1 ? 2.542   7.063   -6.923  1.00 0.00 ? 1  DC A "H5'"  1 
ATOM 18  H "H5''" . DC A 1 1 ? 3.397   8.496   -7.534  1.00 0.00 ? 1  DC A "H5''" 1 
ATOM 19  H "H4'"  . DC A 1 1 ? 5.335   6.941   -8.196  1.00 0.00 ? 1  DC A "H4'"  1 
ATOM 20  H "H3'"  . DC A 1 1 ? 3.613   4.948   -7.755  1.00 0.00 ? 1  DC A "H3'"  1 
ATOM 21  H "H2'"  . DC A 1 1 ? 4.058   4.672   -5.464  1.00 0.00 ? 1  DC A "H2'"  1 
ATOM 22  H "H2''" . DC A 1 1 ? 5.580   3.935   -6.271  1.00 0.00 ? 1  DC A "H2''" 1 
ATOM 23  H "H1'"  . DC A 1 1 ? 6.765   6.030   -5.634  1.00 0.00 ? 1  DC A "H1'"  1 
ATOM 24  H H41    . DC A 1 1 ? 5.095   6.331   0.489   1.00 0.00 ? 1  DC A H41    1 
ATOM 25  H H42    . DC A 1 1 ? 3.505   6.886   0.079   1.00 0.00 ? 1  DC A H42    1 
ATOM 26  H H5     . DC A 1 1 ? 2.907   7.504   -2.264  1.00 0.00 ? 1  DC A H5     1 
ATOM 27  H H6     . DC A 1 1 ? 3.618   7.057   -4.649  1.00 0.00 ? 1  DC A H6     1 
ATOM 28  H "HO5'" . DC A 1 1 ? 1.961   7.607   -9.074  1.00 0.00 ? 1  DC A "HO5'" 1 
ATOM 29  P P      . DA A 1 2 ? 5.379   3.267   -9.152  1.00 0.00 ? 2  DA A P      1 
ATOM 30  O OP1    . DA A 1 2 ? 6.245   3.134   -10.343 1.00 0.00 ? 2  DA A OP1    1 
ATOM 31  O OP2    . DA A 1 2 ? 3.950   3.041   -9.457  1.00 0.00 ? 2  DA A OP2    1 
ATOM 32  O "O5'"  . DA A 1 2 ? 5.848   2.246   -8.020  1.00 0.00 ? 2  DA A "O5'"  1 
ATOM 33  C "C5'"  . DA A 1 2 ? 7.217   1.945   -7.818  1.00 0.00 ? 2  DA A "C5'"  1 
ATOM 34  C "C4'"  . DA A 1 2 ? 7.327   0.705   -6.930  1.00 0.00 ? 2  DA A "C4'"  1 
ATOM 35  O "O4'"  . DA A 1 2 ? 6.812   1.043   -5.659  1.00 0.00 ? 2  DA A "O4'"  1 
ATOM 36  C "C3'"  . DA A 1 2 ? 6.576   -0.525  -7.407  1.00 0.00 ? 2  DA A "C3'"  1 
ATOM 37  O "O3'"  . DA A 1 2 ? 7.322   -1.690  -7.119  1.00 0.00 ? 2  DA A "O3'"  1 
ATOM 38  C "C2'"  . DA A 1 2 ? 5.319   -0.512  -6.614  1.00 0.00 ? 2  DA A "C2'"  1 
ATOM 39  C "C1'"  . DA A 1 2 ? 5.786   0.134   -5.326  1.00 0.00 ? 2  DA A "C1'"  1 
ATOM 40  N N9     . DA A 1 2 ? 4.747   0.880   -4.619  1.00 0.00 ? 2  DA A N9     1 
ATOM 41  C C8     . DA A 1 2 ? 3.806   1.617   -5.237  1.00 0.00 ? 2  DA A C8     1 
ATOM 42  N N7     . DA A 1 2 ? 3.193   2.493   -4.484  1.00 0.00 ? 2  DA A N7     1 
ATOM 43  C C5     . DA A 1 2 ? 3.787   2.280   -3.240  1.00 0.00 ? 2  DA A C5     1 
ATOM 44  C C6     . DA A 1 2 ? 3.642   2.890   -1.979  1.00 0.00 ? 2  DA A C6     1 
ATOM 45  N N6     . DA A 1 2 ? 2.822   3.916   -1.735  1.00 0.00 ? 2  DA A N6     1 
ATOM 46  N N1     . DA A 1 2 ? 4.368   2.424   -0.956  1.00 0.00 ? 2  DA A N1     1 
ATOM 47  C C2     . DA A 1 2 ? 5.195   1.401   -1.154  1.00 0.00 ? 2  DA A C2     1 
ATOM 48  N N3     . DA A 1 2 ? 5.452   0.764   -2.287  1.00 0.00 ? 2  DA A N3     1 
ATOM 49  C C4     . DA A 1 2 ? 4.708   1.264   -3.305  1.00 0.00 ? 2  DA A C4     1 
ATOM 50  H "H5'"  . DA A 1 2 ? 7.724   2.792   -7.355  1.00 0.00 ? 2  DA A "H5'"  1 
ATOM 51  H "H5''" . DA A 1 2 ? 7.700   1.717   -8.769  1.00 0.00 ? 2  DA A "H5''" 1 
ATOM 52  H "H4'"  . DA A 1 2 ? 8.342   0.395   -6.775  1.00 0.00 ? 2  DA A "H4'"  1 
ATOM 53  H "H3'"  . DA A 1 2 ? 6.319   -0.366  -8.441  1.00 0.00 ? 2  DA A "H3'"  1 
ATOM 54  H "H2'"  . DA A 1 2 ? 4.530   -0.121  -7.176  1.00 0.00 ? 2  DA A "H2'"  1 
ATOM 55  H "H2''" . DA A 1 2 ? 4.915   -1.467  -6.507  1.00 0.00 ? 2  DA A "H2''" 1 
ATOM 56  H "H1'"  . DA A 1 2 ? 6.160   -0.690  -4.777  1.00 0.00 ? 2  DA A "H1'"  1 
ATOM 57  H H8     . DA A 1 2 ? 3.733   1.416   -6.288  1.00 0.00 ? 2  DA A H8     1 
ATOM 58  H H61    . DA A 1 2 ? 2.717   4.299   -0.801  1.00 0.00 ? 2  DA A H61    1 
ATOM 59  H H62    . DA A 1 2 ? 2.240   4.233   -2.495  1.00 0.00 ? 2  DA A H62    1 
ATOM 60  H H2     . DA A 1 2 ? 5.746   1.055   -0.297  1.00 0.00 ? 2  DA A H2     1 
ATOM 61  P P      . DG A 1 3 ? 6.971   -3.110  -7.755  1.00 0.00 ? 3  DG A P      1 
ATOM 62  O OP1    . DG A 1 3 ? 8.210   -3.851  -8.077  1.00 0.00 ? 3  DG A OP1    1 
ATOM 63  O OP2    . DG A 1 3 ? 6.067   -2.957  -8.916  1.00 0.00 ? 3  DG A OP2    1 
ATOM 64  O "O5'"  . DG A 1 3 ? 6.206   -3.837  -6.540  1.00 0.00 ? 3  DG A "O5'"  1 
ATOM 65  C "C5'"  . DG A 1 3 ? 6.935   -4.156  -5.368  1.00 0.00 ? 3  DG A "C5'"  1 
ATOM 66  C "C4'"  . DG A 1 3 ? 6.103   -4.513  -4.129  1.00 0.00 ? 3  DG A "C4'"  1 
ATOM 67  O "O4'"  . DG A 1 3 ? 5.550   -3.472  -3.342  1.00 0.00 ? 3  DG A "O4'"  1 
ATOM 68  C "C3'"  . DG A 1 3 ? 5.037   -5.590  -4.213  1.00 0.00 ? 3  DG A "C3'"  1 
ATOM 69  O "O3'"  . DG A 1 3 ? 5.378   -6.617  -3.325  1.00 0.00 ? 3  DG A "O3'"  1 
ATOM 70  C "C2'"  . DG A 1 3 ? 3.735   -4.908  -3.833  1.00 0.00 ? 3  DG A "C2'"  1 
ATOM 71  C "C1'"  . DG A 1 3 ? 4.265   -3.867  -2.856  1.00 0.00 ? 3  DG A "C1'"  1 
ATOM 72  N N9     . DG A 1 3 ? 3.431   -2.654  -2.805  1.00 0.00 ? 3  DG A N9     1 
ATOM 73  C C8     . DG A 1 3 ? 3.014   -1.991  -3.907  1.00 0.00 ? 3  DG A C8     1 
ATOM 74  N N7     . DG A 1 3 ? 2.332   -0.910  -3.693  1.00 0.00 ? 3  DG A N7     1 
ATOM 75  C C5     . DG A 1 3 ? 2.335   -0.826  -2.306  1.00 0.00 ? 3  DG A C5     1 
ATOM 76  C C6     . DG A 1 3 ? 1.746   0.158   -1.469  1.00 0.00 ? 3  DG A C6     1 
ATOM 77  O O6     . DG A 1 3 ? 1.108   1.145   -1.817  1.00 0.00 ? 3  DG A O6     1 
ATOM 78  N N1     . DG A 1 3 ? 1.974   -0.073  -0.127  1.00 0.00 ? 3  DG A N1     1 
ATOM 79  C C2     . DG A 1 3 ? 2.707   -1.126  0.363   1.00 0.00 ? 3  DG A C2     1 
ATOM 80  N N2     . DG A 1 3 ? 2.744   -1.283  1.682   1.00 0.00 ? 3  DG A N2     1 
ATOM 81  N N3     . DG A 1 3 ? 3.251   -2.074  -0.414  1.00 0.00 ? 3  DG A N3     1 
ATOM 82  C C4     . DG A 1 3 ? 3.040   -1.866  -1.743  1.00 0.00 ? 3  DG A C4     1 
ATOM 83  H "H5'"  . DG A 1 3 ? 7.573   -3.317  -5.086  1.00 0.00 ? 3  DG A "H5'"  1 
ATOM 84  H "H5''" . DG A 1 3 ? 7.578   -5.006  -5.601  1.00 0.00 ? 3  DG A "H5''" 1 
ATOM 85  H "H4'"  . DG A 1 3 ? 6.834   -4.884  -3.415  1.00 0.00 ? 3  DG A "H4'"  1 
ATOM 86  H "H3'"  . DG A 1 3 ? 4.938   -5.918  -5.240  1.00 0.00 ? 3  DG A "H3'"  1 
ATOM 87  H "H2'"  . DG A 1 3 ? 3.258   -4.466  -4.672  1.00 0.00 ? 3  DG A "H2'"  1 
ATOM 88  H "H2''" . DG A 1 3 ? 3.007   -5.604  -3.415  1.00 0.00 ? 3  DG A "H2''" 1 
ATOM 89  H "H1'"  . DG A 1 3 ? 4.285   -4.424  -1.942  1.00 0.00 ? 3  DG A "H1'"  1 
ATOM 90  H H8     . DG A 1 3 ? 3.271   -2.404  -4.854  1.00 0.00 ? 3  DG A H8     1 
ATOM 91  H H1     . DG A 1 3 ? 1.527   0.590   0.505   1.00 0.00 ? 3  DG A H1     1 
ATOM 92  H H21    . DG A 1 3 ? 2.186   -0.682  2.277   1.00 0.00 ? 3  DG A H21    1 
ATOM 93  H H22    . DG A 1 3 ? 3.256   -2.061  2.065   1.00 0.00 ? 3  DG A H22    1 
ATOM 94  P P      . DC A 1 4 ? 4.688   -8.042  -3.331  1.00 0.00 ? 4  DC A P      1 
ATOM 95  O OP1    . DC A 1 4 ? 5.641   -9.114  -2.974  1.00 0.00 ? 4  DC A OP1    1 
ATOM 96  O OP2    . DC A 1 4 ? 3.923   -8.291  -4.572  1.00 0.00 ? 4  DC A OP2    1 
ATOM 97  O "O5'"  . DC A 1 4 ? 3.725   -7.696  -2.101  1.00 0.00 ? 4  DC A "O5'"  1 
ATOM 98  C "C5'"  . DC A 1 4 ? 4.322   -7.249  -0.896  1.00 0.00 ? 4  DC A "C5'"  1 
ATOM 99  C "C4'"  . DC A 1 4 ? 3.360   -6.602  0.088   1.00 0.00 ? 4  DC A "C4'"  1 
ATOM 100 O "O4'"  . DC A 1 4 ? 3.030   -5.226  0.110   1.00 0.00 ? 4  DC A "O4'"  1 
ATOM 101 C "C3'"  . DC A 1 4 ? 2.337   -7.473  0.777   1.00 0.00 ? 4  DC A "C3'"  1 
ATOM 102 O "O3'"  . DC A 1 4 ? 2.832   -7.940  2.024   1.00 0.00 ? 4  DC A "O3'"  1 
ATOM 103 C "C2'"  . DC A 1 4 ? 1.197   -6.496  0.732   1.00 0.00 ? 4  DC A "C2'"  1 
ATOM 104 C "C1'"  . DC A 1 4 ? 1.763   -5.088  0.744   1.00 0.00 ? 4  DC A "C1'"  1 
ATOM 105 N N1     . DC A 1 4 ? 0.913   -4.231  -0.101  1.00 0.00 ? 4  DC A N1     1 
ATOM 106 C C2     . DC A 1 4 ? 0.228   -3.115  0.359   1.00 0.00 ? 4  DC A C2     1 
ATOM 107 O O2     . DC A 1 4 ? 0.134   -2.847  1.554   1.00 0.00 ? 4  DC A O2     1 
ATOM 108 N N3     . DC A 1 4 ? -0.374  -2.310  -0.563  1.00 0.00 ? 4  DC A N3     1 
ATOM 109 C C4     . DC A 1 4 ? -0.303  -2.597  -1.870  1.00 0.00 ? 4  DC A C4     1 
ATOM 110 N N4     . DC A 1 4 ? -0.813  -1.740  -2.742  1.00 0.00 ? 4  DC A N4     1 
ATOM 111 C C5     . DC A 1 4 ? 0.320   -3.789  -2.351  1.00 0.00 ? 4  DC A C5     1 
ATOM 112 C C6     . DC A 1 4 ? 0.894   -4.570  -1.406  1.00 0.00 ? 4  DC A C6     1 
ATOM 113 H "H5'"  . DC A 1 4 ? 5.117   -6.517  -1.043  1.00 0.00 ? 4  DC A "H5'"  1 
ATOM 114 H "H5''" . DC A 1 4 ? 4.770   -8.118  -0.410  1.00 0.00 ? 4  DC A "H5''" 1 
ATOM 115 H "H4'"  . DC A 1 4 ? 4.047   -6.372  0.871   1.00 0.00 ? 4  DC A "H4'"  1 
ATOM 116 H "H3'"  . DC A 1 4 ? 1.995   -8.283  0.140   1.00 0.00 ? 4  DC A "H3'"  1 
ATOM 117 H "H2'"  . DC A 1 4 ? 0.443   -6.713  -0.021  1.00 0.00 ? 4  DC A "H2'"  1 
ATOM 118 H "H2''" . DC A 1 4 ? 0.777   -6.568  1.676   1.00 0.00 ? 4  DC A "H2''" 1 
ATOM 119 H "H1'"  . DC A 1 4 ? 1.836   -4.773  1.775   1.00 0.00 ? 4  DC A "H1'"  1 
ATOM 120 H H41    . DC A 1 4 ? -1.211  -0.880  -2.388  1.00 0.00 ? 4  DC A H41    1 
ATOM 121 H H42    . DC A 1 4 ? -0.666  -1.865  -3.729  1.00 0.00 ? 4  DC A H42    1 
ATOM 122 H H5     . DC A 1 4 ? 0.354   -4.032  -3.406  1.00 0.00 ? 4  DC A H5     1 
ATOM 123 H H6     . DC A 1 4 ? 1.370   -5.533  -1.508  1.00 0.00 ? 4  DC A H6     1 
ATOM 124 P P      . DT A 1 5 ? 2.058   -9.054  2.869   1.00 0.00 ? 5  DT A P      1 
ATOM 125 O OP1    . DT A 1 5 ? 2.814   -9.389  4.094   1.00 0.00 ? 5  DT A OP1    1 
ATOM 126 O OP2    . DT A 1 5 ? 1.768   -10.231 2.021   1.00 0.00 ? 5  DT A OP2    1 
ATOM 127 O "O5'"  . DT A 1 5 ? 0.721   -8.289  3.237   1.00 0.00 ? 5  DT A "O5'"  1 
ATOM 128 C "C5'"  . DT A 1 5 ? 0.790   -7.125  4.031   1.00 0.00 ? 5  DT A "C5'"  1 
ATOM 129 C "C4'"  . DT A 1 5 ? -0.496  -6.334  3.823   1.00 0.00 ? 5  DT A "C4'"  1 
ATOM 130 O "O4'"  . DT A 1 5 ? -0.615  -5.305  2.880   1.00 0.00 ? 5  DT A "O4'"  1 
ATOM 131 C "C3'"  . DT A 1 5 ? -1.782  -6.818  4.401   1.00 0.00 ? 5  DT A "C3'"  1 
ATOM 132 O "O3'"  . DT A 1 5 ? -2.092  -6.397  5.720   1.00 0.00 ? 5  DT A "O3'"  1 
ATOM 133 C "C2'"  . DT A 1 5 ? -2.686  -6.254  3.347   1.00 0.00 ? 5  DT A "C2'"  1 
ATOM 134 C "C1'"  . DT A 1 5 ? -1.987  -5.029  2.790   1.00 0.00 ? 5  DT A "C1'"  1 
ATOM 135 N N1     . DT A 1 5 ? -2.325  -4.924  1.377   1.00 0.00 ? 5  DT A N1     1 
ATOM 136 C C2     . DT A 1 5 ? -3.137  -3.896  0.941   1.00 0.00 ? 5  DT A C2     1 
ATOM 137 O O2     . DT A 1 5 ? -3.666  -3.083  1.691   1.00 0.00 ? 5  DT A O2     1 
ATOM 138 N N3     . DT A 1 5 ? -3.327  -3.837  -0.416  1.00 0.00 ? 5  DT A N3     1 
ATOM 139 C C4     . DT A 1 5 ? -2.805  -4.706  -1.349  1.00 0.00 ? 5  DT A C4     1 
ATOM 140 O O4     . DT A 1 5 ? -2.898  -4.420  -2.543  1.00 0.00 ? 5  DT A O4     1 
ATOM 141 C C5     . DT A 1 5 ? -2.135  -5.872  -0.774  1.00 0.00 ? 5  DT A C5     1 
ATOM 142 C C7     . DT A 1 5 ? -1.693  -7.015  -1.668  1.00 0.00 ? 5  DT A C7     1 
ATOM 143 C C6     . DT A 1 5 ? -1.913  -5.931  0.565   1.00 0.00 ? 5  DT A C6     1 
ATOM 144 H "H5'"  . DT A 1 5 ? 1.640   -6.491  3.774   1.00 0.00 ? 5  DT A "H5'"  1 
ATOM 145 H "H5''" . DT A 1 5 ? 0.877   -7.414  5.078   1.00 0.00 ? 5  DT A "H5''" 1 
ATOM 146 H "H4'"  . DT A 1 5 ? -0.440  -5.538  4.480   1.00 0.00 ? 5  DT A "H4'"  1 
ATOM 147 H "H3'"  . DT A 1 5 ? -1.697  -7.884  4.257   1.00 0.00 ? 5  DT A "H3'"  1 
ATOM 148 H "H2'"  . DT A 1 5 ? -2.926  -6.974  2.578   1.00 0.00 ? 5  DT A "H2'"  1 
ATOM 149 H "H2''" . DT A 1 5 ? -3.526  -5.862  3.881   1.00 0.00 ? 5  DT A "H2''" 1 
ATOM 150 H "H1'"  . DT A 1 5 ? -2.192  -4.139  3.342   1.00 0.00 ? 5  DT A "H1'"  1 
ATOM 151 H H3     . DT A 1 5 ? -3.860  -3.025  -0.704  1.00 0.00 ? 5  DT A H3     1 
ATOM 152 H H71    . DT A 1 5 ? -0.872  -6.690  -2.308  1.00 0.00 ? 5  DT A H71    1 
ATOM 153 H H72    . DT A 1 5 ? -1.381  -7.881  -1.083  1.00 0.00 ? 5  DT A H72    1 
ATOM 154 H H73    . DT A 1 5 ? -2.531  -7.308  -2.302  1.00 0.00 ? 5  DT A H73    1 
ATOM 155 H H6     . DT A 1 5 ? -1.400  -6.731  1.130   1.00 0.00 ? 5  DT A H6     1 
ATOM 156 P P      . DG A 1 6 ? -3.229  -7.123  6.585   1.00 0.00 ? 6  DG A P      1 
ATOM 157 O OP1    . DG A 1 6 ? -2.826  -7.118  8.008   1.00 0.00 ? 6  DG A OP1    1 
ATOM 158 O OP2    . DG A 1 6 ? -3.443  -8.493  6.071   1.00 0.00 ? 6  DG A OP2    1 
ATOM 159 O "O5'"  . DG A 1 6 ? -4.596  -6.291  6.443   1.00 0.00 ? 6  DG A "O5'"  1 
ATOM 160 C "C5'"  . DG A 1 6 ? -4.701  -5.003  7.018   1.00 0.00 ? 6  DG A "C5'"  1 
ATOM 161 C "C4'"  . DG A 1 6 ? -5.877  -4.182  6.475   1.00 0.00 ? 6  DG A "C4'"  1 
ATOM 162 O "O4'"  . DG A 1 6 ? -5.806  -3.783  5.128   1.00 0.00 ? 6  DG A "O4'"  1 
ATOM 163 C "C3'"  . DG A 1 6 ? -7.269  -4.763  6.688   1.00 0.00 ? 6  DG A "C3'"  1 
ATOM 164 O "O3'"  . DG A 1 6 ? -8.146  -3.894  7.375   1.00 0.00 ? 6  DG A "O3'"  1 
ATOM 165 C "C2'"  . DG A 1 6 ? -7.784  -5.154  5.316   1.00 0.00 ? 6  DG A "C2'"  1 
ATOM 166 C "C1'"  . DG A 1 6 ? -7.027  -4.118  4.485   1.00 0.00 ? 6  DG A "C1'"  1 
ATOM 167 N N9     . DG A 1 6 ? -6.668  -4.742  3.216   1.00 0.00 ? 6  DG A N9     1 
ATOM 168 C C8     . DG A 1 6 ? -5.991  -5.909  3.127   1.00 0.00 ? 6  DG A C8     1 
ATOM 169 N N7     . DG A 1 6 ? -5.715  -6.278  1.906   1.00 0.00 ? 6  DG A N7     1 
ATOM 170 C C5     . DG A 1 6 ? -6.293  -5.270  1.129   1.00 0.00 ? 6  DG A C5     1 
ATOM 171 C C6     . DG A 1 6 ? -6.360  -5.110  -0.289  1.00 0.00 ? 6  DG A C6     1 
ATOM 172 O O6     . DG A 1 6 ? -5.860  -5.822  -1.157  1.00 0.00 ? 6  DG A O6     1 
ATOM 173 N N1     . DG A 1 6 ? -7.097  -3.999  -0.673  1.00 0.00 ? 6  DG A N1     1 
ATOM 174 C C2     . DG A 1 6 ? -7.697  -3.129  0.204   1.00 0.00 ? 6  DG A C2     1 
ATOM 175 N N2     . DG A 1 6 ? -8.368  -2.097  -0.299  1.00 0.00 ? 6  DG A N2     1 
ATOM 176 N N3     . DG A 1 6 ? -7.622  -3.248  1.533   1.00 0.00 ? 6  DG A N3     1 
ATOM 177 C C4     . DG A 1 6 ? -6.907  -4.334  1.928   1.00 0.00 ? 6  DG A C4     1 
ATOM 178 H "H5'"  . DG A 1 6 ? -3.791  -4.438  6.808   1.00 0.00 ? 6  DG A "H5'"  1 
ATOM 179 H "H5''" . DG A 1 6 ? -4.800  -5.105  8.099   1.00 0.00 ? 6  DG A "H5''" 1 
ATOM 180 H "H4'"  . DG A 1 6 ? -5.879  -3.227  7.018   1.00 0.00 ? 6  DG A "H4'"  1 
ATOM 181 H "H3'"  . DG A 1 6 ? -7.098  -5.707  7.185   1.00 0.00 ? 6  DG A "H3'"  1 
ATOM 182 H "H2'"  . DG A 1 6 ? -7.711  -6.194  4.977   1.00 0.00 ? 6  DG A "H2'"  1 
ATOM 183 H "H2''" . DG A 1 6 ? -8.845  -4.927  5.315   1.00 0.00 ? 6  DG A "H2''" 1 
ATOM 184 H "H1'"  . DG A 1 6 ? -7.602  -3.226  4.406   1.00 0.00 ? 6  DG A "H1'"  1 
ATOM 185 H H8     . DG A 1 6 ? -5.769  -6.391  4.078   1.00 0.00 ? 6  DG A H8     1 
ATOM 186 H H1     . DG A 1 6 ? -7.149  -3.800  -1.671  1.00 0.00 ? 6  DG A H1     1 
ATOM 187 H H21    . DG A 1 6 ? -8.491  -1.981  -1.298  1.00 0.00 ? 6  DG A H21    1 
ATOM 188 H H22    . DG A 1 6 ? -8.748  -1.417  0.340   1.00 0.00 ? 6  DG A H22    1 
ATOM 189 O "O5'"  . DC B 1 1 ? -7.414  0.074   -9.598  1.00 0.00 ? 7  DC B "O5'"  1 
ATOM 190 C "C5'"  . DC B 1 1 ? -7.023  0.921   -8.538  1.00 0.00 ? 7  DC B "C5'"  1 
ATOM 191 C "C4'"  . DC B 1 1 ? -8.077  0.893   -7.428  1.00 0.00 ? 7  DC B "C4'"  1 
ATOM 192 O "O4'"  . DC B 1 1 ? -8.338  -0.397  -6.917  1.00 0.00 ? 7  DC B "O4'"  1 
ATOM 193 C "C3'"  . DC B 1 1 ? -7.881  1.877   -6.300  1.00 0.00 ? 7  DC B "C3'"  1 
ATOM 194 O "O3'"  . DC B 1 1 ? -8.981  2.755   -6.094  1.00 0.00 ? 7  DC B "O3'"  1 
ATOM 195 C "C2'"  . DC B 1 1 ? -7.573  0.952   -5.143  1.00 0.00 ? 7  DC B "C2'"  1 
ATOM 196 C "C1'"  . DC B 1 1 ? -8.292  -0.352  -5.504  1.00 0.00 ? 7  DC B "C1'"  1 
ATOM 197 N N1     . DC B 1 1 ? -7.501  -1.501  -5.007  1.00 0.00 ? 7  DC B N1     1 
ATOM 198 C C2     . DC B 1 1 ? -7.831  -2.130  -3.812  1.00 0.00 ? 7  DC B C2     1 
ATOM 199 O O2     . DC B 1 1 ? -8.756  -1.728  -3.111  1.00 0.00 ? 7  DC B O2     1 
ATOM 200 N N3     . DC B 1 1 ? -7.091  -3.201  -3.406  1.00 0.00 ? 7  DC B N3     1 
ATOM 201 C C4     . DC B 1 1 ? -6.055  -3.618  -4.144  1.00 0.00 ? 7  DC B C4     1 
ATOM 202 N N4     . DC B 1 1 ? -5.357  -4.650  -3.695  1.00 0.00 ? 7  DC B N4     1 
ATOM 203 C C5     . DC B 1 1 ? -5.653  -2.947  -5.345  1.00 0.00 ? 7  DC B C5     1 
ATOM 204 C C6     . DC B 1 1 ? -6.417  -1.893  -5.725  1.00 0.00 ? 7  DC B C6     1 
ATOM 205 H "H5'"  . DC B 1 1 ? -6.925  1.937   -8.923  1.00 0.00 ? 7  DC B "H5'"  1 
ATOM 206 H "H5''" . DC B 1 1 ? -6.061  0.591   -8.147  1.00 0.00 ? 7  DC B "H5''" 1 
ATOM 207 H "H4'"  . DC B 1 1 ? -9.044  1.235   -7.752  1.00 0.00 ? 7  DC B "H4'"  1 
ATOM 208 H "H3'"  . DC B 1 1 ? -6.966  2.404   -6.565  1.00 0.00 ? 7  DC B "H3'"  1 
ATOM 209 H "H2'"  . DC B 1 1 ? -6.513  0.709   -5.000  1.00 0.00 ? 7  DC B "H2'"  1 
ATOM 210 H "H2''" . DC B 1 1 ? -8.072  1.496   -4.317  1.00 0.00 ? 7  DC B "H2''" 1 
ATOM 211 H "H1'"  . DC B 1 1 ? -9.295  -0.479  -5.211  1.00 0.00 ? 7  DC B "H1'"  1 
ATOM 212 H H41    . DC B 1 1 ? -5.641  -5.108  -2.839  1.00 0.00 ? 7  DC B H41    1 
ATOM 213 H H42    . DC B 1 1 ? -4.420  -4.821  -4.034  1.00 0.00 ? 7  DC B H42    1 
ATOM 214 H H5     . DC B 1 1 ? -4.812  -3.266  -5.948  1.00 0.00 ? 7  DC B H5     1 
ATOM 215 H H6     . DC B 1 1 ? -6.233  -1.277  -6.591  1.00 0.00 ? 7  DC B H6     1 
ATOM 216 H "HO5'" . DC B 1 1 ? -8.261  0.378   -9.935  1.00 0.00 ? 7  DC B "HO5'" 1 
ATOM 217 P P      . DA B 1 2 ? -8.787  4.175   -5.369  1.00 0.00 ? 8  DA B P      1 
ATOM 218 O OP1    . DA B 1 2 ? -9.987  5.016   -5.568  1.00 0.00 ? 8  DA B OP1    1 
ATOM 219 O OP2    . DA B 1 2 ? -7.552  4.819   -5.865  1.00 0.00 ? 8  DA B OP2    1 
ATOM 220 O "O5'"  . DA B 1 2 ? -8.620  3.827   -3.821  1.00 0.00 ? 8  DA B "O5'"  1 
ATOM 221 C "C5'"  . DA B 1 2 ? -9.743  3.594   -2.993  1.00 0.00 ? 8  DA B "C5'"  1 
ATOM 222 C "C4'"  . DA B 1 2 ? -9.302  3.633   -1.529  1.00 0.00 ? 8  DA B "C4'"  1 
ATOM 223 O "O4'"  . DA B 1 2 ? -8.434  2.541   -1.312  1.00 0.00 ? 8  DA B "O4'"  1 
ATOM 224 C "C3'"  . DA B 1 2 ? -8.564  4.884   -1.090  1.00 0.00 ? 8  DA B "C3'"  1 
ATOM 225 O "O3'"  . DA B 1 2 ? -8.937  5.228   0.229   1.00 0.00 ? 8  DA B "O3'"  1 
ATOM 226 C "C2'"  . DA B 1 2 ? -7.128  4.496   -1.132  1.00 0.00 ? 8  DA B "C2'"  1 
ATOM 227 C "C1'"  . DA B 1 2 ? -7.211  3.019   -0.797  1.00 0.00 ? 8  DA B "C1'"  1 
ATOM 228 N N9     . DA B 1 2 ? -6.143  2.212   -1.378  1.00 0.00 ? 8  DA B N9     1 
ATOM 229 C C8     . DA B 1 2 ? -5.632  2.420   -2.607  1.00 0.00 ? 8  DA B C8     1 
ATOM 230 N N7     . DA B 1 2 ? -4.961  1.419   -3.115  1.00 0.00 ? 8  DA B N7     1 
ATOM 231 C C5     . DA B 1 2 ? -5.026  0.470   -2.095  1.00 0.00 ? 8  DA B C5     1 
ATOM 232 C C6     . DA B 1 2 ? -4.556  -0.850  -1.966  1.00 0.00 ? 8  DA B C6     1 
ATOM 233 N N6     . DA B 1 2 ? -3.901  -1.506  -2.928  1.00 0.00 ? 8  DA B N6     1 
ATOM 234 N N1     . DA B 1 2 ? -4.774  -1.497  -0.815  1.00 0.00 ? 8  DA B N1     1 
ATOM 235 C C2     . DA B 1 2 ? -5.417  -0.878  0.171   1.00 0.00 ? 8  DA B C2     1 
ATOM 236 N N3     . DA B 1 2 ? -5.940  0.339   0.170   1.00 0.00 ? 8  DA B N3     1 
ATOM 237 C C4     . DA B 1 2 ? -5.709  0.966   -1.011  1.00 0.00 ? 8  DA B C4     1 
ATOM 238 H "H5'"  . DA B 1 2 ? -10.191 2.627   -3.229  1.00 0.00 ? 8  DA B "H5'"  1 
ATOM 239 H "H5''" . DA B 1 2 ? -10.489 4.377   -3.135  1.00 0.00 ? 8  DA B "H5''" 1 
ATOM 240 H "H4'"  . DA B 1 2 ? -10.119 3.512   -0.846  1.00 0.00 ? 8  DA B "H4'"  1 
ATOM 241 H "H3'"  . DA B 1 2 ? -8.726  5.638   -1.842  1.00 0.00 ? 8  DA B "H3'"  1 
ATOM 242 H "H2'"  . DA B 1 2 ? -6.681  4.839   -2.011  1.00 0.00 ? 8  DA B "H2'"  1 
ATOM 243 H "H2''" . DA B 1 2 ? -6.548  5.065   -0.480  1.00 0.00 ? 8  DA B "H2''" 1 
ATOM 244 H "H1'"  . DA B 1 2 ? -7.210  3.025   0.262   1.00 0.00 ? 8  DA B "H1'"  1 
ATOM 245 H H8     . DA B 1 2 ? -5.901  3.372   -3.021  1.00 0.00 ? 8  DA B H8     1 
ATOM 246 H H61    . DA B 1 2 ? -3.542  -2.444  -2.779  1.00 0.00 ? 8  DA B H61    1 
ATOM 247 H H62    . DA B 1 2 ? -3.694  -0.999  -3.775  1.00 0.00 ? 8  DA B H62    1 
ATOM 248 H H2     . DA B 1 2 ? -5.554  -1.439  1.080   1.00 0.00 ? 8  DA B H2     1 
ATOM 249 P P      . DG B 1 3 ? -8.587  6.644   0.875   1.00 0.00 ? 9  DG B P      1 
ATOM 250 O OP1    . DG B 1 3 ? -9.700  7.109   1.730   1.00 0.00 ? 9  DG B OP1    1 
ATOM 251 O OP2    . DG B 1 3 ? -8.208  7.621   -0.169  1.00 0.00 ? 9  DG B OP2    1 
ATOM 252 O "O5'"  . DG B 1 3 ? -7.316  6.276   1.791   1.00 0.00 ? 9  DG B "O5'"  1 
ATOM 253 C "C5'"  . DG B 1 3 ? -7.503  5.412   2.897   1.00 0.00 ? 9  DG B "C5'"  1 
ATOM 254 C "C4'"  . DG B 1 3 ? -6.232  4.814   3.514   1.00 0.00 ? 9  DG B "C4'"  1 
ATOM 255 O "O4'"  . DG B 1 3 ? -5.632  3.678   2.917   1.00 0.00 ? 9  DG B "O4'"  1 
ATOM 256 C "C3'"  . DG B 1 3 ? -5.090  5.723   3.936   1.00 0.00 ? 9  DG B "C3'"  1 
ATOM 257 O "O3'"  . DG B 1 3 ? -4.906  5.586   5.318   1.00 0.00 ? 9  DG B "O3'"  1 
ATOM 258 C "C2'"  . DG B 1 3 ? -3.883  5.256   3.144   1.00 0.00 ? 9  DG B "C2'"  1 
ATOM 259 C "C1'"  . DG B 1 3 ? -4.210  3.774   3.025   1.00 0.00 ? 9  DG B "C1'"  1 
ATOM 260 N N9     . DG B 1 3 ? -3.642  3.159   1.813   1.00 0.00 ? 9  DG B N9     1 
ATOM 261 C C8     . DG B 1 3 ? -3.770  3.693   0.578   1.00 0.00 ? 9  DG B C8     1 
ATOM 262 N N7     . DG B 1 3 ? -3.261  3.002   -0.393  1.00 0.00 ? 9  DG B N7     1 
ATOM 263 C C5     . DG B 1 3 ? -2.787  1.872   0.262   1.00 0.00 ? 9  DG B C5     1 
ATOM 264 C C6     . DG B 1 3 ? -2.126  0.737   -0.276  1.00 0.00 ? 9  DG B C6     1 
ATOM 265 O O6     . DG B 1 3 ? -1.841  0.530   -1.450  1.00 0.00 ? 9  DG B O6     1 
ATOM 266 N N1     . DG B 1 3 ? -1.820  -0.210  0.682   1.00 0.00 ? 9  DG B N1     1 
ATOM 267 C C2     . DG B 1 3 ? -2.129  -0.091  2.014   1.00 0.00 ? 9  DG B C2     1 
ATOM 268 N N2     . DG B 1 3 ? -1.669  -1.028  2.835   1.00 0.00 ? 9  DG B N2     1 
ATOM 269 N N3     . DG B 1 3 ? -2.734  0.984   2.539   1.00 0.00 ? 9  DG B N3     1 
ATOM 270 C C4     . DG B 1 3 ? -3.048  1.930   1.612   1.00 0.00 ? 9  DG B C4     1 
ATOM 271 H "H5'"  . DG B 1 3 ? -8.137  4.570   2.612   1.00 0.00 ? 9  DG B "H5'"  1 
ATOM 272 H "H5''" . DG B 1 3 ? -8.023  5.976   3.673   1.00 0.00 ? 9  DG B "H5''" 1 
ATOM 273 H "H4'"  . DG B 1 3 ? -6.582  4.343   4.430   1.00 0.00 ? 9  DG B "H4'"  1 
ATOM 274 H "H3'"  . DG B 1 3 ? -5.304  6.736   3.624   1.00 0.00 ? 9  DG B "H3'"  1 
ATOM 275 H "H2'"  . DG B 1 3 ? -3.821  5.730   2.194   1.00 0.00 ? 9  DG B "H2'"  1 
ATOM 276 H "H2''" . DG B 1 3 ? -2.941  5.483   3.645   1.00 0.00 ? 9  DG B "H2''" 1 
ATOM 277 H "H1'"  . DG B 1 3 ? -3.803  3.392   3.939   1.00 0.00 ? 9  DG B "H1'"  1 
ATOM 278 H H8     . DG B 1 3 ? -4.268  4.630   0.500   1.00 0.00 ? 9  DG B H8     1 
ATOM 279 H H1     . DG B 1 3 ? -1.304  -1.019  0.337   1.00 0.00 ? 9  DG B H1     1 
ATOM 280 H H21    . DG B 1 3 ? -1.053  -1.752  2.481   1.00 0.00 ? 9  DG B H21    1 
ATOM 281 H H22    . DG B 1 3 ? -1.863  -0.952  3.820   1.00 0.00 ? 9  DG B H22    1 
ATOM 282 P P      . DC B 1 4 ? -4.021  6.572   6.182   1.00 0.00 ? 10 DC B P      1 
ATOM 283 O OP1    . DC B 1 4 ? -4.577  6.763   7.538   1.00 0.00 ? 10 DC B OP1    1 
ATOM 284 O OP2    . DC B 1 4 ? -3.715  7.828   5.464   1.00 0.00 ? 10 DC B OP2    1 
ATOM 285 O "O5'"  . DC B 1 4 ? -2.761  5.587   6.211   1.00 0.00 ? 10 DC B "O5'"  1 
ATOM 286 C "C5'"  . DC B 1 4 ? -2.961  4.268   6.696   1.00 0.00 ? 10 DC B "C5'"  1 
ATOM 287 C "C4'"  . DC B 1 4 ? -1.843  3.293   6.363   1.00 0.00 ? 10 DC B "C4'"  1 
ATOM 288 O "O4'"  . DC B 1 4 ? -1.778  2.508   5.188   1.00 0.00 ? 10 DC B "O4'"  1 
ATOM 289 C "C3'"  . DC B 1 4 ? -0.505  3.471   7.038   1.00 0.00 ? 10 DC B "C3'"  1 
ATOM 290 O "O3'"  . DC B 1 4 ? -0.431  2.691   8.223   1.00 0.00 ? 10 DC B "O3'"  1 
ATOM 291 C "C2'"  . DC B 1 4 ? 0.351   3.127   5.852   1.00 0.00 ? 10 DC B "C2'"  1 
ATOM 292 C "C1'"  . DC B 1 4 ? -0.415  2.164   4.962   1.00 0.00 ? 10 DC B "C1'"  1 
ATOM 293 N N1     . DC B 1 4 ? -0.088  2.462   3.556   1.00 0.00 ? 10 DC B N1     1 
ATOM 294 C C2     . DC B 1 4 ? 0.503   1.557   2.687   1.00 0.00 ? 10 DC B C2     1 
ATOM 295 O O2     . DC B 1 4 ? 0.966   0.485   3.065   1.00 0.00 ? 10 DC B O2     1 
ATOM 296 N N3     . DC B 1 4 ? 0.584   1.899   1.368   1.00 0.00 ? 10 DC B N3     1 
ATOM 297 C C4     . DC B 1 4 ? 0.105   3.075   0.937   1.00 0.00 ? 10 DC B C4     1 
ATOM 298 N N4     . DC B 1 4 ? 0.109   3.328   -0.363  1.00 0.00 ? 10 DC B N4     1 
ATOM 299 C C5     . DC B 1 4 ? -0.423  4.052   1.834   1.00 0.00 ? 10 DC B C5     1 
ATOM 300 C C6     . DC B 1 4 ? -0.474  3.682   3.136   1.00 0.00 ? 10 DC B C6     1 
ATOM 301 H "H5'"  . DC B 1 4 ? -3.872  3.798   6.328   1.00 0.00 ? 10 DC B "H5'"  1 
ATOM 302 H "H5''" . DC B 1 4 ? -3.046  4.330   7.782   1.00 0.00 ? 10 DC B "H5''" 1 
ATOM 303 H "H4'"  . DC B 1 4 ? -2.236  2.419   6.833   1.00 0.00 ? 10 DC B "H4'"  1 
ATOM 304 H "H3'"  . DC B 1 4 ? -0.274  4.517   7.217   1.00 0.00 ? 10 DC B "H3'"  1 
ATOM 305 H "H2'"  . DC B 1 4 ? 0.813   3.981   5.364   1.00 0.00 ? 10 DC B "H2'"  1 
ATOM 306 H "H2''" . DC B 1 4 ? 1.086   2.515   6.252   1.00 0.00 ? 10 DC B "H2''" 1 
ATOM 307 H "H1'"  . DC B 1 4 ? -0.171  1.161   5.279   1.00 0.00 ? 10 DC B "H1'"  1 
ATOM 308 H H41    . DC B 1 4 ? 0.446   2.608   -0.987  1.00 0.00 ? 10 DC B H41    1 
ATOM 309 H H42    . DC B 1 4 ? -0.357  4.141   -0.728  1.00 0.00 ? 10 DC B H42    1 
ATOM 310 H H5     . DC B 1 4 ? -0.786  5.011   1.489   1.00 0.00 ? 10 DC B H5     1 
ATOM 311 H H6     . DC B 1 4 ? -0.775  4.254   3.999   1.00 0.00 ? 10 DC B H6     1 
ATOM 312 P P      . DT B 1 5 ? 0.779   2.849   9.257   1.00 0.00 ? 11 DT B P      1 
ATOM 313 O OP1    . DT B 1 5 ? 0.581   1.958   10.420  1.00 0.00 ? 11 DT B OP1    1 
ATOM 314 O OP2    . DT B 1 5 ? 0.951   4.269   9.631   1.00 0.00 ? 11 DT B OP2    1 
ATOM 315 O "O5'"  . DT B 1 5 ? 2.000   2.350   8.380   1.00 0.00 ? 11 DT B "O5'"  1 
ATOM 316 C "C5'"  . DT B 1 5 ? 2.014   1.020   7.911   1.00 0.00 ? 11 DT B "C5'"  1 
ATOM 317 C "C4'"  . DT B 1 5 ? 2.977   0.943   6.732   1.00 0.00 ? 11 DT B "C4'"  1 
ATOM 318 O "O4'"  . DT B 1 5 ? 2.565   1.077   5.400   1.00 0.00 ? 11 DT B "O4'"  1 
ATOM 319 C "C3'"  . DT B 1 5 ? 4.449   1.023   6.955   1.00 0.00 ? 11 DT B "C3'"  1 
ATOM 320 O "O3'"  . DT B 1 5 ? 5.129   -0.197  7.203   1.00 0.00 ? 11 DT B "O3'"  1 
ATOM 321 C "C2'"  . DT B 1 5 ? 4.800   1.669   5.648   1.00 0.00 ? 11 DT B "C2'"  1 
ATOM 322 C "C1'"  . DT B 1 5 ? 3.741   1.234   4.653   1.00 0.00 ? 11 DT B "C1'"  1 
ATOM 323 N N1     . DT B 1 5 ? 3.529   2.330   3.718   1.00 0.00 ? 11 DT B N1     1 
ATOM 324 C C2     . DT B 1 5 ? 3.930   2.199   2.404   1.00 0.00 ? 11 DT B C2     1 
ATOM 325 O O2     . DT B 1 5 ? 4.532   1.222   1.972   1.00 0.00 ? 11 DT B O2     1 
ATOM 326 N N3     . DT B 1 5 ? 3.610   3.253   1.586   1.00 0.00 ? 11 DT B N3     1 
ATOM 327 C C4     . DT B 1 5 ? 2.958   4.406   1.964   1.00 0.00 ? 11 DT B C4     1 
ATOM 328 O O4     . DT B 1 5 ? 2.568   5.181   1.090   1.00 0.00 ? 11 DT B O4     1 
ATOM 329 C C5     . DT B 1 5 ? 2.758   4.539   3.407   1.00 0.00 ? 11 DT B C5     1 
ATOM 330 C C7     . DT B 1 5 ? 2.239   5.839   3.990   1.00 0.00 ? 11 DT B C7     1 
ATOM 331 C C6     . DT B 1 5 ? 3.041   3.492   4.227   1.00 0.00 ? 11 DT B C6     1 
ATOM 332 H "H5'"  . DT B 1 5 ? 1.029   0.679   7.585   1.00 0.00 ? 11 DT B "H5'"  1 
ATOM 333 H "H5''" . DT B 1 5 ? 2.359   0.364   8.712   1.00 0.00 ? 11 DT B "H5''" 1 
ATOM 334 H "H4'"  . DT B 1 5 ? 3.019   -0.058  6.475   1.00 0.00 ? 11 DT B "H4'"  1 
ATOM 335 H "H3'"  . DT B 1 5 ? 4.511   1.762   7.739   1.00 0.00 ? 11 DT B "H3'"  1 
ATOM 336 H "H2'"  . DT B 1 5 ? 4.875   2.744   5.725   1.00 0.00 ? 11 DT B "H2'"  1 
ATOM 337 H "H2''" . DT B 1 5 ? 5.693   1.173   5.324   1.00 0.00 ? 11 DT B "H2''" 1 
ATOM 338 H "H1'"  . DT B 1 5 ? 3.969   0.307   4.176   1.00 0.00 ? 11 DT B "H1'"  1 
ATOM 339 H H3     . DT B 1 5 ? 3.848   3.086   0.616   1.00 0.00 ? 11 DT B H3     1 
ATOM 340 H H71    . DT B 1 5 ? 2.835   6.662   3.593   1.00 0.00 ? 11 DT B H71    1 
ATOM 341 H H72    . DT B 1 5 ? 1.201   5.988   3.696   1.00 0.00 ? 11 DT B H72    1 
ATOM 342 H H73    . DT B 1 5 ? 2.317   5.847   5.078   1.00 0.00 ? 11 DT B H73    1 
ATOM 343 H H6     . DT B 1 5 ? 2.916   3.440   5.323   1.00 0.00 ? 11 DT B H6     1 
ATOM 344 P P      . DG B 1 6 ? 6.611   -0.220  7.814   1.00 0.00 ? 12 DG B P      1 
ATOM 345 O OP1    . DG B 1 6 ? 6.748   -1.401  8.692   1.00 0.00 ? 12 DG B OP1    1 
ATOM 346 O OP2    . DG B 1 6 ? 6.868   1.045   8.537   1.00 0.00 ? 12 DG B OP2    1 
ATOM 347 O "O5'"  . DG B 1 6 ? 7.664   -0.358  6.610   1.00 0.00 ? 12 DG B "O5'"  1 
ATOM 348 C "C5'"  . DG B 1 6 ? 7.737   -1.562  5.870   1.00 0.00 ? 12 DG B "C5'"  1 
ATOM 349 C "C4'"  . DG B 1 6 ? 8.477   -1.419  4.534   1.00 0.00 ? 12 DG B "C4'"  1 
ATOM 350 O "O4'"  . DG B 1 6 ? 7.856   -0.628  3.548   1.00 0.00 ? 12 DG B "O4'"  1 
ATOM 351 C "C3'"  . DG B 1 6 ? 9.931   -0.973  4.603   1.00 0.00 ? 12 DG B "C3'"  1 
ATOM 352 O "O3'"  . DG B 1 6 ? 10.824  -1.870  3.975   1.00 0.00 ? 12 DG B "O3'"  1 
ATOM 353 C "C2'"  . DG B 1 6 ? 9.981   0.421   4.009   1.00 0.00 ? 12 DG B "C2'"  1 
ATOM 354 C "C1'"  . DG B 1 6 ? 8.805   0.299   3.041   1.00 0.00 ? 12 DG B "C1'"  1 
ATOM 355 N N9     . DG B 1 6 ? 8.133   1.594   2.990   1.00 0.00 ? 12 DG B N9     1 
ATOM 356 C C8     . DG B 1 6 ? 7.688   2.242   4.091   1.00 0.00 ? 12 DG B C8     1 
ATOM 357 N N7     . DG B 1 6 ? 7.063   3.360   3.840   1.00 0.00 ? 12 DG B N7     1 
ATOM 358 C C5     . DG B 1 6 ? 7.134   3.460   2.446   1.00 0.00 ? 12 DG B C5     1 
ATOM 359 C C6     . DG B 1 6 ? 6.660   4.474   1.561   1.00 0.00 ? 12 DG B C6     1 
ATOM 360 O O6     . DG B 1 6 ? 6.018   5.484   1.838   1.00 0.00 ? 12 DG B O6     1 
ATOM 361 N N1     . DG B 1 6 ? 7.000   4.236   0.236   1.00 0.00 ? 12 DG B N1     1 
ATOM 362 C C2     . DG B 1 6 ? 7.706   3.141   -0.196  1.00 0.00 ? 12 DG B C2     1 
ATOM 363 N N2     . DG B 1 6 ? 7.957   3.029   -1.496  1.00 0.00 ? 12 DG B N2     1 
ATOM 364 N N3     . DG B 1 6 ? 8.136   2.170   0.616   1.00 0.00 ? 12 DG B N3     1 
ATOM 365 C C4     . DG B 1 6 ? 7.816   2.388   1.919   1.00 0.00 ? 12 DG B C4     1 
ATOM 366 H "H5'"  . DG B 1 6 ? 6.728   -1.910  5.645   1.00 0.00 ? 12 DG B "H5'"  1 
ATOM 367 H "H5''" . DG B 1 6 ? 8.234   -2.320  6.478   1.00 0.00 ? 12 DG B "H5''" 1 
ATOM 368 H "H4'"  . DG B 1 6 ? 8.503   -2.414  4.074   1.00 0.00 ? 12 DG B "H4'"  1 
ATOM 369 H "H3'"  . DG B 1 6 ? 10.120  -0.821  5.656   1.00 0.00 ? 12 DG B "H3'"  1 
ATOM 370 H "H2'"  . DG B 1 6 ? 9.978   1.299   4.667   1.00 0.00 ? 12 DG B "H2'"  1 
ATOM 371 H "H2''" . DG B 1 6 ? 10.912  0.483   3.456   1.00 0.00 ? 12 DG B "H2''" 1 
ATOM 372 H "H1'"  . DG B 1 6 ? 9.144   -0.071  2.103   1.00 0.00 ? 12 DG B "H1'"  1 
ATOM 373 H H8     . DG B 1 6 ? 7.911   1.755   5.040   1.00 0.00 ? 12 DG B H8     1 
ATOM 374 H H1     . DG B 1 6 ? 6.651   4.899   -0.456  1.00 0.00 ? 12 DG B H1     1 
ATOM 375 H H21    . DG B 1 6 ? 7.690   3.755   -2.151  1.00 0.00 ? 12 DG B H21    1 
ATOM 376 H H22    . DG B 1 6 ? 8.413   2.192   -1.826  1.00 0.00 ? 12 DG B H22    1 
# 
